data_3MC0
#
_entry.id   3MC0
#
_cell.length_a   91.185
_cell.length_b   91.185
_cell.length_c   233.401
_cell.angle_alpha   90.00
_cell.angle_beta   90.00
_cell.angle_gamma   120.00
#
_symmetry.space_group_name_H-M   'P 31 2 1'
#
loop_
_entity.id
_entity.type
_entity.pdbx_description
1 polymer 'variable beta 8.2  mouse T cell receptor'
2 polymer 'Enterotoxin SEG'
3 non-polymer 'ACETATE ION'
4 water water
#
loop_
_entity_poly.entity_id
_entity_poly.type
_entity_poly.pdbx_seq_one_letter_code
_entity_poly.pdbx_strand_id
1 'polypeptide(L)'
;AAVTQSPRNKVAVTGEKVTLSCQQTNNHNNMYWYRQDTGHGLRLIHYSYGAGSTEKGDIPDGYKASRPSQEQFSLILESA
TPSQTSVYFCASGGGGTLYFGAGTRLSVL
;
A,C
2 'polypeptide(L)'
;QPDPKLDELNKVSDYKSNKGTMGNVMNLYMSPPVEGRGVINSRQFLSHDLIFPIEYKSYNEVKTELENTELANNYKGKKV
DIFGVPYFYTCIIPKSEPDINQNFGGCCMYGGLTFNSSENERDKLITVQVTIDNRQSLGFTITTNKNMVTIQELDYKARH
WLTKEKKLYEFDGSAFESGYIKFTEKNNTSFWFDLFPKKELVPFVPYKFLNIYGDNKVVDSKSIKMEVFLNTHHHHHHH
;
B,D
#
loop_
_chem_comp.id
_chem_comp.type
_chem_comp.name
_chem_comp.formula
ACT non-polymer 'ACETATE ION' 'C2 H3 O2 -1'
#
# COMPACT_ATOMS: atom_id res chain seq x y z
N ALA A 1 18.43 31.91 0.43
CA ALA A 1 17.04 31.94 -0.15
C ALA A 1 16.35 30.56 -0.14
N ALA A 2 15.05 30.59 0.15
CA ALA A 2 14.15 29.44 0.01
C ALA A 2 14.35 28.74 -1.37
N VAL A 3 14.34 29.51 -2.46
CA VAL A 3 14.30 28.92 -3.82
C VAL A 3 15.25 29.72 -4.68
N THR A 4 16.23 29.10 -5.32
CA THR A 4 17.06 29.87 -6.23
C THR A 4 17.02 29.28 -7.66
N GLN A 5 16.91 30.14 -8.66
CA GLN A 5 16.87 29.79 -10.06
C GLN A 5 18.16 30.22 -10.75
N SER A 6 18.63 29.39 -11.68
CA SER A 6 19.71 29.77 -12.59
C SER A 6 19.49 29.16 -13.97
N PRO A 7 19.86 29.91 -15.01
CA PRO A 7 20.43 31.27 -14.91
C PRO A 7 19.30 32.24 -14.57
N ARG A 8 19.62 33.52 -14.33
CA ARG A 8 18.63 34.57 -14.17
C ARG A 8 18.17 35.22 -15.44
N ASN A 9 19.02 35.21 -16.45
CA ASN A 9 18.73 35.81 -17.78
C ASN A 9 19.39 34.94 -18.75
N LYS A 10 18.77 34.73 -19.89
CA LYS A 10 19.31 33.82 -20.84
C LYS A 10 18.80 34.26 -22.19
N VAL A 11 19.71 34.35 -23.19
CA VAL A 11 19.31 34.58 -24.61
C VAL A 11 19.71 33.39 -25.40
N ALA A 12 18.78 32.85 -26.13
CA ALA A 12 19.07 31.60 -26.82
C ALA A 12 18.72 31.85 -28.24
N VAL A 13 19.21 31.00 -29.16
CA VAL A 13 18.65 30.99 -30.54
C VAL A 13 17.67 29.85 -30.74
N THR A 14 16.74 30.00 -31.68
CA THR A 14 15.85 28.90 -32.03
C THR A 14 16.67 27.63 -32.25
N GLY A 15 16.20 26.51 -31.63
CA GLY A 15 16.72 25.17 -31.81
C GLY A 15 17.72 24.87 -30.70
N GLU A 16 18.13 25.87 -29.99
CA GLU A 16 19.07 25.68 -28.89
C GLU A 16 18.47 24.91 -27.69
N LYS A 17 19.25 24.01 -27.06
CA LYS A 17 18.77 23.31 -25.90
C LYS A 17 19.04 24.20 -24.65
N VAL A 18 18.01 24.44 -23.84
CA VAL A 18 18.18 25.32 -22.71
C VAL A 18 17.63 24.56 -21.46
N THR A 19 18.38 24.60 -20.38
CA THR A 19 17.94 23.98 -19.13
C THR A 19 17.85 25.05 -18.05
N LEU A 20 16.69 25.17 -17.37
CA LEU A 20 16.62 26.09 -16.25
C LEU A 20 16.62 25.30 -14.95
N SER A 21 17.37 25.75 -13.96
CA SER A 21 17.58 25.01 -12.72
C SER A 21 16.93 25.70 -11.56
N CYS A 22 16.32 24.89 -10.69
CA CYS A 22 15.70 25.42 -9.54
C CYS A 22 16.13 24.59 -8.37
N GLN A 23 16.67 25.25 -7.40
CA GLN A 23 17.04 24.52 -6.25
C GLN A 23 16.48 25.09 -4.98
N GLN A 24 15.99 24.25 -4.08
CA GLN A 24 15.35 24.78 -2.86
C GLN A 24 16.10 24.32 -1.62
N THR A 25 15.83 25.01 -0.51
CA THR A 25 16.48 24.65 0.78
C THR A 25 15.50 24.30 1.88
N ASN A 26 14.22 24.13 1.52
CA ASN A 26 13.15 23.94 2.48
C ASN A 26 12.86 22.46 2.74
N ASN A 27 13.55 21.53 2.06
CA ASN A 27 13.11 20.13 2.00
C ASN A 27 11.64 19.87 1.59
N HIS A 28 11.06 20.73 0.76
CA HIS A 28 9.66 20.53 0.40
C HIS A 28 9.50 19.37 -0.56
N ASN A 29 8.40 18.63 -0.45
CA ASN A 29 8.19 17.51 -1.41
C ASN A 29 7.81 18.06 -2.77
N ASN A 30 7.09 19.18 -2.83
CA ASN A 30 6.52 19.58 -4.14
C ASN A 30 7.32 20.70 -4.75
N MET A 31 7.49 20.63 -6.08
CA MET A 31 8.10 21.75 -6.84
C MET A 31 7.31 21.96 -8.12
N TYR A 32 7.41 23.17 -8.68
CA TYR A 32 6.58 23.63 -9.77
C TYR A 32 7.42 24.53 -10.73
N TRP A 33 7.18 24.43 -12.01
CA TRP A 33 7.68 25.42 -12.98
C TRP A 33 6.52 26.12 -13.65
N TYR A 34 6.47 27.44 -13.53
CA TYR A 34 5.41 28.20 -14.17
C TYR A 34 6.11 29.10 -15.21
N ARG A 35 5.34 29.62 -16.18
CA ARG A 35 5.87 30.83 -16.85
C ARG A 35 4.86 31.98 -16.66
N GLN A 36 5.33 33.22 -16.71
CA GLN A 36 4.51 34.42 -16.50
C GLN A 36 4.42 35.15 -17.84
N ASP A 37 3.22 35.36 -18.37
CA ASP A 37 3.12 36.15 -19.62
C ASP A 37 1.97 37.17 -19.47
N THR A 38 2.22 38.37 -19.98
CA THR A 38 1.16 39.38 -20.07
C THR A 38 -0.03 38.80 -20.70
N GLY A 39 -1.17 39.05 -20.08
CA GLY A 39 -2.42 38.53 -20.55
C GLY A 39 -2.72 37.11 -20.16
N HIS A 40 -1.88 36.46 -19.34
CA HIS A 40 -2.21 35.13 -18.80
C HIS A 40 -1.90 35.05 -17.29
N GLY A 41 -1.03 35.88 -16.73
CA GLY A 41 -0.45 35.58 -15.40
C GLY A 41 0.41 34.26 -15.45
N LEU A 42 0.48 33.57 -14.34
CA LEU A 42 1.27 32.30 -14.26
C LEU A 42 0.57 31.12 -14.84
N ARG A 43 1.25 30.33 -15.66
CA ARG A 43 0.65 29.12 -16.18
C ARG A 43 1.58 28.01 -15.83
N LEU A 44 1.03 26.90 -15.30
CA LEU A 44 1.85 25.78 -14.82
C LEU A 44 2.31 24.88 -15.97
N ILE A 45 3.63 24.65 -16.04
CA ILE A 45 4.16 23.85 -17.13
C ILE A 45 4.29 22.38 -16.69
N HIS A 46 5.08 22.14 -15.64
CA HIS A 46 5.20 20.82 -15.06
C HIS A 46 5.39 21.00 -13.55
N TYR A 47 5.09 19.96 -12.79
CA TYR A 47 5.34 20.00 -11.37
C TYR A 47 5.84 18.62 -10.93
N SER A 48 6.12 18.51 -9.66
CA SER A 48 6.73 17.31 -9.18
C SER A 48 6.25 17.09 -7.74
N TYR A 49 5.95 15.84 -7.40
CA TYR A 49 5.62 15.54 -5.95
C TYR A 49 6.76 14.86 -5.16
N GLY A 50 7.95 14.69 -5.80
CA GLY A 50 9.12 14.19 -5.07
C GLY A 50 10.17 13.77 -6.05
N ALA A 51 11.31 13.31 -5.57
CA ALA A 51 12.38 12.87 -6.46
C ALA A 51 11.86 11.77 -7.38
N GLY A 52 12.23 11.85 -8.67
CA GLY A 52 11.80 10.90 -9.75
C GLY A 52 10.36 11.14 -10.24
N SER A 53 9.68 12.18 -9.76
CA SER A 53 8.25 12.37 -10.11
C SER A 53 8.17 13.65 -10.90
N THR A 54 7.55 13.59 -12.07
CA THR A 54 7.15 14.85 -12.64
C THR A 54 5.79 14.60 -13.26
N GLU A 55 4.96 15.64 -13.25
CA GLU A 55 3.64 15.47 -13.86
C GLU A 55 3.30 16.73 -14.71
N LYS A 56 2.44 16.58 -15.74
CA LYS A 56 2.12 17.73 -16.59
C LYS A 56 1.20 18.77 -15.97
N GLY A 57 1.52 20.07 -16.12
CA GLY A 57 0.57 21.08 -15.71
C GLY A 57 -0.39 21.42 -16.86
N ASP A 58 -0.82 22.67 -16.98
CA ASP A 58 -1.70 23.03 -18.13
C ASP A 58 -1.06 23.25 -19.46
N ILE A 59 0.20 23.72 -19.48
CA ILE A 59 0.92 23.99 -20.75
C ILE A 59 2.24 23.24 -20.88
N PRO A 60 2.18 21.87 -20.84
CA PRO A 60 3.46 21.15 -20.80
C PRO A 60 4.17 21.04 -22.20
N ASP A 61 3.49 21.28 -23.33
CA ASP A 61 4.04 20.93 -24.69
C ASP A 61 5.29 21.75 -25.01
N GLY A 62 6.32 21.06 -25.49
CA GLY A 62 7.61 21.67 -25.83
C GLY A 62 8.53 21.70 -24.64
N TYR A 63 8.08 21.22 -23.43
CA TYR A 63 8.98 21.26 -22.21
C TYR A 63 9.14 19.88 -21.61
N LYS A 64 10.32 19.56 -21.12
CA LYS A 64 10.49 18.38 -20.25
C LYS A 64 10.85 18.88 -18.88
N ALA A 65 10.89 17.95 -17.89
CA ALA A 65 11.31 18.36 -16.53
C ALA A 65 12.00 17.21 -15.92
N SER A 66 12.75 17.48 -14.87
CA SER A 66 13.41 16.40 -14.20
C SER A 66 13.59 16.77 -12.74
N ARG A 67 13.32 15.83 -11.83
CA ARG A 67 13.39 16.06 -10.39
C ARG A 67 14.39 14.99 -9.90
N PRO A 68 15.72 15.21 -10.12
CA PRO A 68 16.69 14.17 -9.79
C PRO A 68 16.91 14.03 -8.30
N SER A 69 16.52 15.01 -7.50
CA SER A 69 16.67 14.91 -6.04
C SER A 69 15.57 15.77 -5.39
N GLN A 70 15.45 15.73 -4.04
CA GLN A 70 14.46 16.52 -3.34
C GLN A 70 14.71 17.99 -3.63
N GLU A 71 15.98 18.36 -3.66
CA GLU A 71 16.30 19.76 -3.78
C GLU A 71 16.21 20.39 -5.19
N GLN A 72 16.29 19.60 -6.24
CA GLN A 72 16.48 20.20 -7.57
C GLN A 72 15.33 19.87 -8.54
N PHE A 73 14.77 20.89 -9.21
CA PHE A 73 13.78 20.57 -10.21
C PHE A 73 14.19 21.35 -11.50
N SER A 74 14.45 20.64 -12.58
CA SER A 74 14.91 21.33 -13.86
C SER A 74 13.89 21.37 -14.93
N LEU A 75 13.88 22.45 -15.68
CA LEU A 75 12.97 22.55 -16.82
C LEU A 75 13.85 22.53 -18.08
N ILE A 76 13.52 21.71 -19.06
CA ILE A 76 14.41 21.42 -20.19
C ILE A 76 13.65 21.81 -21.40
N LEU A 77 14.22 22.76 -22.17
CA LEU A 77 13.65 23.05 -23.51
C LEU A 77 14.63 22.39 -24.47
N GLU A 78 14.24 21.26 -25.06
CA GLU A 78 15.17 20.53 -25.94
C GLU A 78 15.50 21.36 -27.18
N SER A 79 14.55 22.14 -27.71
CA SER A 79 14.75 22.82 -28.93
C SER A 79 13.95 24.13 -28.85
N ALA A 80 14.60 25.17 -28.34
CA ALA A 80 13.91 26.42 -28.02
C ALA A 80 13.20 27.04 -29.19
N THR A 81 11.99 27.54 -28.96
CA THR A 81 11.21 28.17 -29.98
C THR A 81 10.90 29.57 -29.50
N PRO A 82 10.62 30.47 -30.43
CA PRO A 82 10.28 31.82 -29.97
C PRO A 82 9.06 31.92 -28.98
N SER A 83 8.07 31.04 -29.09
CA SER A 83 6.94 31.05 -28.17
C SER A 83 7.36 30.74 -26.71
N GLN A 84 8.60 30.33 -26.52
CA GLN A 84 9.13 30.03 -25.18
C GLN A 84 9.78 31.19 -24.55
N THR A 85 9.86 32.31 -25.29
CA THR A 85 10.33 33.59 -24.65
C THR A 85 9.35 33.97 -23.53
N SER A 86 9.83 34.20 -22.32
CA SER A 86 8.95 34.42 -21.18
C SER A 86 9.77 34.65 -19.96
N VAL A 87 9.12 34.82 -18.81
CA VAL A 87 9.83 34.87 -17.56
C VAL A 87 9.33 33.60 -16.81
N TYR A 88 10.23 32.73 -16.37
CA TYR A 88 9.92 31.47 -15.71
C TYR A 88 10.11 31.59 -14.24
N PHE A 89 9.13 31.05 -13.49
CA PHE A 89 9.23 31.11 -12.03
C PHE A 89 9.10 29.65 -11.48
N CYS A 90 9.98 29.29 -10.57
CA CYS A 90 9.91 27.93 -9.96
C CYS A 90 9.35 28.13 -8.54
N ALA A 91 8.65 27.14 -7.91
CA ALA A 91 8.13 27.39 -6.52
C ALA A 91 8.36 26.08 -5.85
N SER A 92 8.57 26.07 -4.53
CA SER A 92 8.50 24.78 -3.80
C SER A 92 7.34 24.92 -2.79
N GLY A 93 6.81 23.77 -2.41
CA GLY A 93 5.68 23.83 -1.57
C GLY A 93 5.54 22.59 -0.71
N GLY A 94 4.97 22.80 0.46
CA GLY A 94 4.70 21.66 1.36
C GLY A 94 3.56 22.28 2.11
N GLY A 95 2.32 21.87 1.69
CA GLY A 95 1.11 21.87 2.53
C GLY A 95 0.91 23.15 3.35
N GLY A 96 -0.04 23.95 2.87
CA GLY A 96 -0.14 25.31 3.30
C GLY A 96 0.74 26.27 2.53
N THR A 97 2.03 25.97 2.42
CA THR A 97 3.05 26.97 2.11
C THR A 97 3.56 26.83 0.62
N LEU A 98 3.94 27.97 0.03
CA LEU A 98 4.62 28.00 -1.28
C LEU A 98 5.67 29.07 -1.23
N TYR A 99 6.88 28.81 -1.70
CA TYR A 99 7.91 29.82 -1.79
C TYR A 99 8.21 29.88 -3.30
N PHE A 100 8.44 31.19 -3.86
CA PHE A 100 8.73 31.33 -5.28
C PHE A 100 10.16 31.84 -5.45
N GLY A 101 10.78 31.46 -6.55
CA GLY A 101 12.03 32.05 -6.84
C GLY A 101 11.80 33.45 -7.47
N ALA A 102 12.91 34.11 -7.78
CA ALA A 102 12.95 35.45 -8.30
C ALA A 102 12.64 35.59 -9.81
N GLY A 103 12.60 34.50 -10.60
CA GLY A 103 12.23 34.58 -12.01
C GLY A 103 13.46 34.37 -12.91
N THR A 104 13.29 33.75 -14.09
CA THR A 104 14.36 33.67 -15.09
C THR A 104 13.81 34.18 -16.38
N ARG A 105 14.46 35.20 -16.93
CA ARG A 105 14.04 35.76 -18.20
C ARG A 105 14.75 35.05 -19.35
N LEU A 106 13.98 34.49 -20.27
CA LEU A 106 14.51 33.79 -21.38
C LEU A 106 13.97 34.55 -22.63
N SER A 107 14.88 34.95 -23.52
CA SER A 107 14.51 35.40 -24.85
C SER A 107 15.04 34.42 -25.82
N VAL A 108 14.22 34.03 -26.79
CA VAL A 108 14.63 33.09 -27.81
C VAL A 108 14.55 33.89 -29.11
N LEU A 109 15.69 34.00 -29.76
CA LEU A 109 15.82 34.83 -30.99
C LEU A 109 15.49 34.11 -32.29
N GLN B 1 1.59 -18.43 -18.37
CA GLN B 1 0.69 -17.86 -17.29
C GLN B 1 -0.74 -17.43 -17.70
N PRO B 2 -1.12 -17.54 -19.00
CA PRO B 2 -0.42 -17.73 -20.27
C PRO B 2 -0.25 -16.36 -21.00
N ASP B 3 0.32 -16.41 -22.20
CA ASP B 3 0.67 -15.21 -22.99
C ASP B 3 -0.49 -14.25 -23.26
N PRO B 4 -0.22 -12.93 -23.24
CA PRO B 4 -1.25 -11.88 -23.36
C PRO B 4 -1.86 -11.74 -24.76
N LYS B 5 -3.13 -11.37 -24.86
CA LYS B 5 -3.62 -10.87 -26.14
C LYS B 5 -3.20 -9.39 -26.31
N LEU B 6 -2.90 -8.97 -27.54
CA LEU B 6 -2.75 -7.55 -27.88
C LEU B 6 -3.72 -6.60 -27.16
N ASP B 7 -5.02 -6.86 -27.20
CA ASP B 7 -6.03 -5.93 -26.62
C ASP B 7 -6.00 -5.82 -25.10
N GLU B 8 -5.22 -6.68 -24.45
CA GLU B 8 -5.11 -6.65 -23.00
C GLU B 8 -3.82 -5.92 -22.47
N LEU B 9 -2.93 -5.56 -23.39
CA LEU B 9 -1.69 -4.85 -23.05
C LEU B 9 -2.02 -3.38 -22.77
N ASN B 10 -1.35 -2.78 -21.78
CA ASN B 10 -1.52 -1.32 -21.61
C ASN B 10 -0.94 -0.52 -22.80
N LYS B 11 -1.63 0.54 -23.18
CA LYS B 11 -1.20 1.37 -24.33
C LYS B 11 -0.50 2.66 -23.91
N VAL B 12 0.65 2.92 -24.51
CA VAL B 12 1.30 4.25 -24.34
C VAL B 12 0.35 5.36 -24.70
N SER B 13 -0.38 5.24 -25.81
CA SER B 13 -1.30 6.34 -26.22
C SER B 13 -2.41 6.63 -25.18
N ASP B 14 -2.88 5.60 -24.51
CA ASP B 14 -3.90 5.81 -23.44
C ASP B 14 -3.26 6.57 -22.25
N TYR B 15 -2.04 6.23 -21.93
CA TYR B 15 -1.34 6.86 -20.81
C TYR B 15 -1.17 8.35 -21.09
N LYS B 16 -0.68 8.65 -22.31
CA LYS B 16 -0.62 10.08 -22.74
C LYS B 16 -1.96 10.77 -22.82
N SER B 17 -2.99 10.10 -23.28
CA SER B 17 -4.21 10.83 -23.34
C SER B 17 -4.89 11.00 -21.97
N ASN B 18 -4.53 10.16 -21.00
CA ASN B 18 -4.94 10.49 -19.61
C ASN B 18 -4.02 11.51 -18.90
N LYS B 19 -3.17 12.24 -19.66
CA LYS B 19 -2.31 13.28 -19.10
C LYS B 19 -1.18 12.69 -18.30
N GLY B 20 -0.79 11.46 -18.54
CA GLY B 20 0.35 10.89 -17.83
C GLY B 20 1.71 11.26 -18.53
N THR B 21 2.82 11.13 -17.79
CA THR B 21 4.14 11.42 -18.29
C THR B 21 4.91 10.12 -18.20
N MET B 22 5.26 9.54 -19.34
CA MET B 22 6.01 8.22 -19.39
C MET B 22 7.43 8.40 -18.87
N GLY B 23 7.85 9.63 -18.78
CA GLY B 23 9.14 9.89 -18.12
C GLY B 23 9.28 9.39 -16.68
N ASN B 24 8.15 9.24 -15.99
CA ASN B 24 8.24 8.66 -14.60
C ASN B 24 8.79 7.23 -14.69
N VAL B 25 8.31 6.49 -15.65
CA VAL B 25 8.74 5.12 -15.85
C VAL B 25 10.12 5.06 -16.47
N MET B 26 10.37 5.93 -17.48
CA MET B 26 11.76 6.09 -17.93
C MET B 26 12.77 6.23 -16.83
N ASN B 27 12.52 7.13 -15.89
CA ASN B 27 13.52 7.35 -14.87
C ASN B 27 13.77 6.18 -13.91
N LEU B 28 12.75 5.33 -13.71
CA LEU B 28 13.01 4.15 -12.88
C LEU B 28 14.08 3.28 -13.54
N TYR B 29 13.96 3.05 -14.86
CA TYR B 29 14.89 2.15 -15.56
C TYR B 29 16.16 2.78 -16.13
N MET B 30 16.23 4.12 -16.16
CA MET B 30 17.48 4.79 -16.57
C MET B 30 18.32 5.10 -15.40
N SER B 31 17.72 5.43 -14.26
CA SER B 31 18.55 5.77 -13.13
C SER B 31 19.15 4.51 -12.56
N PRO B 32 20.23 4.66 -11.77
CA PRO B 32 20.88 3.44 -11.33
C PRO B 32 19.97 2.65 -10.33
N PRO B 33 20.19 1.35 -10.26
CA PRO B 33 19.48 0.44 -9.30
C PRO B 33 20.04 0.60 -7.93
N VAL B 34 19.32 0.20 -6.88
CA VAL B 34 19.90 0.09 -5.55
C VAL B 34 20.74 -1.20 -5.54
N GLU B 35 21.93 -1.16 -4.99
CA GLU B 35 22.81 -2.40 -4.98
C GLU B 35 23.52 -2.46 -3.66
N GLY B 36 23.67 -3.68 -3.19
CA GLY B 36 24.29 -3.88 -1.85
C GLY B 36 24.77 -5.34 -1.91
N ARG B 37 25.94 -5.62 -1.35
CA ARG B 37 26.54 -6.97 -1.49
C ARG B 37 26.79 -7.45 -0.09
N GLY B 38 26.26 -8.63 0.25
CA GLY B 38 26.45 -9.13 1.67
C GLY B 38 25.95 -8.19 2.76
N VAL B 39 24.68 -7.75 2.67
CA VAL B 39 24.24 -6.82 3.72
C VAL B 39 23.18 -7.58 4.59
N ILE B 40 22.88 -7.03 5.75
CA ILE B 40 21.94 -7.64 6.67
C ILE B 40 21.02 -6.55 7.07
N ASN B 41 19.72 -6.83 7.12
CA ASN B 41 18.78 -5.71 7.51
C ASN B 41 19.04 -5.18 8.90
N SER B 42 18.84 -3.87 9.13
CA SER B 42 19.03 -3.26 10.43
C SER B 42 17.73 -3.13 11.20
N ARG B 43 16.59 -3.13 10.50
CA ARG B 43 15.29 -2.94 11.22
C ARG B 43 14.17 -3.21 10.24
N GLN B 44 12.94 -2.90 10.64
CA GLN B 44 11.73 -3.19 9.86
C GLN B 44 10.78 -2.08 10.19
N PHE B 45 9.86 -1.82 9.29
CA PHE B 45 8.75 -0.93 9.65
C PHE B 45 7.61 -1.90 9.95
N LEU B 46 7.05 -2.59 8.95
CA LEU B 46 6.02 -3.59 9.14
C LEU B 46 6.67 -4.93 9.00
N SER B 47 5.95 -6.02 9.30
CA SER B 47 6.63 -7.34 9.38
C SER B 47 6.82 -7.93 7.98
N HIS B 48 6.19 -7.33 6.97
CA HIS B 48 6.49 -7.78 5.61
C HIS B 48 7.55 -6.87 4.89
N ASP B 49 8.25 -5.99 5.61
CA ASP B 49 9.36 -5.28 4.96
C ASP B 49 10.68 -5.41 5.76
N LEU B 50 11.81 -5.07 5.13
CA LEU B 50 13.13 -5.10 5.77
C LEU B 50 13.81 -3.81 5.36
N ILE B 51 14.39 -3.14 6.34
CA ILE B 51 15.09 -1.89 6.12
C ILE B 51 16.59 -2.24 6.18
N PHE B 52 17.32 -1.85 5.15
CA PHE B 52 18.75 -2.17 4.98
C PHE B 52 19.56 -0.91 5.01
N PRO B 53 20.69 -0.94 5.74
CA PRO B 53 21.48 0.26 5.88
C PRO B 53 22.44 0.43 4.71
N ILE B 54 21.93 0.55 3.51
CA ILE B 54 22.72 0.76 2.31
C ILE B 54 22.44 2.16 1.79
N GLU B 55 23.56 2.83 1.51
CA GLU B 55 23.66 4.02 0.61
C GLU B 55 23.16 4.01 -0.85
N TYR B 56 22.26 4.95 -1.18
CA TYR B 56 21.90 5.22 -2.60
C TYR B 56 21.80 6.69 -2.80
N LYS B 57 22.67 7.20 -3.67
CA LYS B 57 22.83 8.63 -3.81
C LYS B 57 22.92 9.31 -2.45
N SER B 58 22.06 10.25 -2.12
CA SER B 58 22.15 10.84 -0.80
C SER B 58 21.29 10.12 0.28
N TYR B 59 20.73 8.95 -0.02
CA TYR B 59 19.92 8.25 1.02
C TYR B 59 20.85 7.24 1.79
N ASN B 60 20.62 7.05 3.07
CA ASN B 60 21.50 6.15 3.95
C ASN B 60 20.83 4.79 4.28
N GLU B 61 19.54 4.59 3.87
CA GLU B 61 18.87 3.31 3.98
C GLU B 61 17.77 3.14 2.95
N VAL B 62 17.42 1.89 2.69
CA VAL B 62 16.39 1.52 1.81
C VAL B 62 15.42 0.56 2.53
N LYS B 63 14.13 0.81 2.33
CA LYS B 63 13.10 -0.18 2.77
C LYS B 63 12.71 -1.04 1.63
N THR B 64 12.94 -2.38 1.72
CA THR B 64 12.39 -3.22 0.69
C THR B 64 11.16 -3.97 1.25
N GLU B 65 10.14 -4.05 0.39
CA GLU B 65 8.88 -4.60 0.76
C GLU B 65 8.72 -5.97 0.10
N LEU B 66 8.23 -6.98 0.86
CA LEU B 66 7.92 -8.31 0.37
C LEU B 66 6.42 -8.45 0.38
N GLU B 67 5.92 -9.39 -0.38
CA GLU B 67 4.49 -9.59 -0.62
C GLU B 67 3.80 -10.07 0.71
N ASN B 68 4.56 -10.75 1.55
CA ASN B 68 3.93 -11.27 2.83
C ASN B 68 5.03 -11.46 3.81
N THR B 69 4.66 -11.68 5.09
CA THR B 69 5.64 -11.80 6.17
C THR B 69 6.59 -13.00 6.08
N GLU B 70 6.10 -14.11 5.61
CA GLU B 70 6.99 -15.26 5.64
C GLU B 70 8.20 -15.01 4.67
N LEU B 71 7.92 -14.35 3.55
CA LEU B 71 8.96 -14.03 2.58
C LEU B 71 9.95 -13.10 3.20
N ALA B 72 9.50 -12.12 3.97
CA ALA B 72 10.40 -11.23 4.62
C ALA B 72 11.20 -12.05 5.59
N ASN B 73 10.54 -13.02 6.28
CA ASN B 73 11.25 -13.72 7.39
C ASN B 73 12.28 -14.62 6.72
N ASN B 74 12.04 -15.06 5.51
CA ASN B 74 13.06 -15.83 4.74
C ASN B 74 14.43 -15.17 4.62
N TYR B 75 14.43 -13.84 4.64
CA TYR B 75 15.65 -13.04 4.49
C TYR B 75 16.07 -12.29 5.73
N LYS B 76 15.21 -12.15 6.71
CA LYS B 76 15.50 -11.26 7.80
C LYS B 76 16.72 -11.79 8.58
N GLY B 77 17.61 -10.89 9.00
CA GLY B 77 18.79 -11.28 9.78
C GLY B 77 19.82 -12.10 8.98
N LYS B 78 19.58 -12.40 7.69
CA LYS B 78 20.57 -13.10 6.87
C LYS B 78 21.42 -12.14 6.00
N LYS B 79 22.62 -12.61 5.64
CA LYS B 79 23.52 -11.98 4.66
C LYS B 79 23.01 -12.11 3.22
N VAL B 80 22.67 -10.97 2.60
CA VAL B 80 22.00 -11.08 1.30
C VAL B 80 22.66 -10.07 0.38
N ASP B 81 22.45 -10.25 -0.89
CA ASP B 81 22.69 -9.12 -1.77
C ASP B 81 21.31 -8.47 -2.12
N ILE B 82 21.37 -7.21 -2.50
CA ILE B 82 20.19 -6.43 -2.85
C ILE B 82 20.41 -5.88 -4.24
N PHE B 83 19.43 -6.07 -5.14
CA PHE B 83 19.44 -5.41 -6.37
C PHE B 83 17.98 -5.05 -6.75
N GLY B 84 17.71 -3.75 -6.82
CA GLY B 84 16.38 -3.39 -7.24
C GLY B 84 16.18 -1.94 -7.65
N VAL B 85 14.92 -1.66 -8.08
CA VAL B 85 14.53 -0.34 -8.56
C VAL B 85 13.90 0.49 -7.42
N PRO B 86 14.59 1.56 -6.96
CA PRO B 86 14.06 2.40 -5.91
C PRO B 86 12.99 3.42 -6.36
N TYR B 87 12.12 3.90 -5.41
CA TYR B 87 11.28 5.05 -5.66
C TYR B 87 11.26 5.88 -4.40
N PHE B 88 10.75 7.10 -4.52
CA PHE B 88 10.93 8.10 -3.52
C PHE B 88 9.60 8.74 -3.25
N TYR B 89 8.91 9.22 -4.30
CA TYR B 89 7.56 9.74 -4.12
C TYR B 89 6.63 8.51 -3.72
N THR B 90 5.85 8.72 -2.65
CA THR B 90 5.00 7.70 -1.98
C THR B 90 5.75 6.71 -1.09
N CYS B 91 7.07 6.88 -0.94
CA CYS B 91 7.91 5.89 -0.15
C CYS B 91 7.59 6.21 1.32
N ILE B 92 7.29 5.22 2.13
CA ILE B 92 6.97 5.51 3.51
C ILE B 92 8.05 4.68 4.33
N ILE B 93 8.87 5.35 5.07
CA ILE B 93 9.94 4.72 5.83
C ILE B 93 10.11 5.55 7.11
N PRO B 94 9.36 5.21 8.16
CA PRO B 94 9.43 5.93 9.47
C PRO B 94 10.85 5.84 10.07
N LYS B 95 11.31 6.91 10.71
CA LYS B 95 12.66 6.91 11.31
C LYS B 95 12.65 6.01 12.58
N SER B 96 13.83 5.58 13.03
CA SER B 96 13.98 5.09 14.43
C SER B 96 14.06 6.34 15.35
N GLU B 97 12.89 6.77 15.87
CA GLU B 97 12.72 7.94 16.79
C GLU B 97 12.91 7.51 18.26
N ASN B 103 9.73 13.36 8.93
CA ASN B 103 10.37 12.18 9.56
C ASN B 103 9.93 10.80 8.95
N PHE B 104 9.83 10.79 7.61
CA PHE B 104 8.86 9.98 6.88
C PHE B 104 9.24 9.41 5.43
N GLY B 105 9.65 10.32 4.53
CA GLY B 105 10.18 10.01 3.18
C GLY B 105 11.57 9.35 3.22
N GLY B 106 11.96 8.75 2.11
CA GLY B 106 13.28 8.04 2.01
C GLY B 106 13.25 7.27 0.72
N CYS B 107 13.98 6.15 0.71
CA CYS B 107 14.15 5.37 -0.47
C CYS B 107 13.49 3.97 -0.22
N CYS B 108 12.63 3.53 -1.12
CA CYS B 108 11.90 2.28 -0.97
C CYS B 108 12.05 1.48 -2.24
N MET B 109 11.78 0.20 -2.14
CA MET B 109 11.78 -0.76 -3.26
C MET B 109 10.96 -2.00 -2.88
N TYR B 110 10.75 -2.91 -3.83
CA TYR B 110 10.17 -4.23 -3.58
C TYR B 110 11.21 -5.30 -3.78
N GLY B 111 11.19 -6.34 -2.94
CA GLY B 111 11.90 -7.59 -3.32
C GLY B 111 13.40 -7.35 -3.44
N GLY B 112 14.02 -7.88 -4.49
CA GLY B 112 15.43 -7.50 -4.72
C GLY B 112 16.47 -8.41 -4.09
N LEU B 113 16.03 -9.42 -3.33
CA LEU B 113 16.98 -10.06 -2.35
C LEU B 113 17.43 -11.44 -2.78
N THR B 114 18.70 -11.71 -2.59
CA THR B 114 19.22 -13.08 -2.77
C THR B 114 20.24 -13.36 -1.66
N PHE B 115 20.42 -14.64 -1.29
CA PHE B 115 21.42 -14.91 -0.24
C PHE B 115 22.80 -14.64 -0.83
N ASN B 116 23.66 -13.99 -0.05
CA ASN B 116 25.03 -13.73 -0.42
C ASN B 116 25.83 -15.06 -0.50
N SER B 117 26.63 -15.21 -1.55
CA SER B 117 27.39 -16.46 -1.71
C SER B 117 28.79 -16.11 -2.22
N SER B 118 29.81 -16.51 -1.46
CA SER B 118 31.21 -16.25 -1.92
C SER B 118 31.58 -17.22 -3.04
N GLU B 119 30.70 -18.19 -3.30
CA GLU B 119 30.85 -19.13 -4.39
C GLU B 119 29.79 -18.80 -5.47
N ASN B 120 30.09 -17.76 -6.27
CA ASN B 120 29.12 -17.00 -7.08
C ASN B 120 29.90 -15.94 -7.88
N GLU B 121 30.81 -16.36 -8.76
CA GLU B 121 31.86 -15.42 -9.22
C GLU B 121 32.16 -15.21 -10.72
N ARG B 122 31.87 -16.20 -11.56
CA ARG B 122 31.84 -16.00 -13.02
C ARG B 122 30.57 -15.18 -13.41
N ASP B 123 30.71 -14.10 -14.20
CA ASP B 123 29.51 -13.45 -14.73
C ASP B 123 28.76 -14.43 -15.62
N LYS B 124 27.44 -14.53 -15.59
CA LYS B 124 26.78 -15.25 -16.69
C LYS B 124 26.26 -14.22 -17.69
N LEU B 125 26.06 -14.67 -18.93
CA LEU B 125 25.52 -13.79 -19.94
C LEU B 125 24.20 -14.35 -20.24
N ILE B 126 23.23 -13.48 -20.47
CA ILE B 126 21.96 -13.94 -20.89
C ILE B 126 21.71 -13.11 -22.07
N THR B 127 21.16 -13.76 -23.10
CA THR B 127 20.81 -13.09 -24.32
C THR B 127 19.33 -12.77 -24.18
N VAL B 128 19.00 -11.49 -24.29
CA VAL B 128 17.64 -11.12 -24.34
C VAL B 128 17.19 -11.10 -25.74
N GLN B 129 16.13 -11.80 -26.06
CA GLN B 129 15.65 -11.82 -27.43
C GLN B 129 14.52 -10.83 -27.59
N VAL B 130 14.64 -9.87 -28.52
CA VAL B 130 13.63 -8.82 -28.69
C VAL B 130 13.04 -9.00 -30.02
N THR B 131 11.73 -8.95 -30.07
CA THR B 131 11.04 -9.04 -31.31
C THR B 131 10.10 -7.88 -31.38
N ILE B 132 10.06 -7.13 -32.49
CA ILE B 132 9.16 -6.01 -32.69
C ILE B 132 8.20 -6.27 -33.78
N ASP B 133 6.94 -5.95 -33.57
CA ASP B 133 5.87 -6.18 -34.54
C ASP B 133 5.89 -7.62 -35.15
N ASN B 134 6.42 -8.56 -34.37
CA ASN B 134 6.46 -9.98 -34.81
C ASN B 134 7.32 -10.22 -36.06
N ARG B 135 8.21 -9.28 -36.39
CA ARG B 135 8.81 -9.23 -37.71
C ARG B 135 10.26 -8.86 -37.78
N GLN B 136 10.86 -8.44 -36.67
CA GLN B 136 12.25 -8.03 -36.71
C GLN B 136 12.79 -8.39 -35.34
N SER B 137 14.04 -8.80 -35.26
CA SER B 137 14.57 -9.25 -34.02
C SER B 137 15.90 -8.59 -33.84
N LEU B 138 16.31 -8.49 -32.60
CA LEU B 138 17.69 -8.26 -32.27
C LEU B 138 17.96 -8.90 -30.94
N GLY B 139 19.17 -8.99 -30.51
CA GLY B 139 19.31 -9.58 -29.23
C GLY B 139 20.34 -8.71 -28.66
N PHE B 140 20.41 -8.68 -27.35
CA PHE B 140 21.54 -8.06 -26.73
C PHE B 140 21.76 -8.86 -25.54
N THR B 141 22.84 -8.63 -24.87
CA THR B 141 23.07 -9.50 -23.79
C THR B 141 23.18 -8.69 -22.53
N ILE B 142 22.73 -9.30 -21.43
CA ILE B 142 22.95 -8.71 -20.12
C ILE B 142 23.78 -9.68 -19.31
N THR B 143 24.43 -9.21 -18.26
CA THR B 143 25.15 -10.08 -17.37
C THR B 143 24.77 -9.90 -15.88
N THR B 144 24.92 -10.97 -15.10
CA THR B 144 24.97 -10.88 -13.65
C THR B 144 25.94 -11.92 -13.10
N ASN B 145 26.61 -11.58 -12.03
CA ASN B 145 27.45 -12.58 -11.45
C ASN B 145 26.72 -13.63 -10.52
N LYS B 146 25.37 -13.53 -10.35
CA LYS B 146 24.59 -14.40 -9.39
C LYS B 146 24.08 -15.70 -10.02
N ASN B 147 24.36 -16.88 -9.42
CA ASN B 147 23.78 -18.13 -9.96
C ASN B 147 22.26 -18.13 -9.82
N MET B 148 21.82 -17.68 -8.65
CA MET B 148 20.39 -17.48 -8.39
C MET B 148 20.18 -15.95 -8.40
N VAL B 149 19.38 -15.48 -9.34
CA VAL B 149 19.24 -14.01 -9.53
C VAL B 149 17.78 -13.66 -9.39
N THR B 150 17.44 -12.46 -8.83
CA THR B 150 16.03 -12.04 -8.92
C THR B 150 15.62 -11.74 -10.34
N ILE B 151 14.37 -11.99 -10.61
CA ILE B 151 13.76 -11.60 -11.84
C ILE B 151 13.85 -10.05 -12.02
N GLN B 152 13.70 -9.33 -10.89
CA GLN B 152 13.82 -7.89 -10.86
C GLN B 152 15.18 -7.42 -11.51
N GLU B 153 16.29 -7.98 -11.03
CA GLU B 153 17.65 -7.70 -11.56
C GLU B 153 17.73 -7.86 -13.06
N LEU B 154 17.12 -8.92 -13.58
CA LEU B 154 17.12 -9.19 -15.02
C LEU B 154 16.26 -8.19 -15.79
N ASP B 155 15.09 -7.90 -15.23
CA ASP B 155 14.08 -7.12 -15.83
C ASP B 155 14.67 -5.70 -15.94
N TYR B 156 15.24 -5.22 -14.84
CA TYR B 156 15.82 -3.92 -14.80
C TYR B 156 16.98 -3.83 -15.90
N LYS B 157 17.86 -4.85 -15.94
CA LYS B 157 19.08 -4.79 -16.81
C LYS B 157 18.59 -4.72 -18.24
N ALA B 158 17.53 -5.45 -18.53
CA ALA B 158 16.95 -5.44 -19.82
C ALA B 158 16.21 -4.20 -20.20
N ARG B 159 15.37 -3.68 -19.30
CA ARG B 159 14.62 -2.49 -19.64
C ARG B 159 15.59 -1.29 -19.74
N HIS B 160 16.64 -1.27 -18.92
CA HIS B 160 17.60 -0.19 -18.91
C HIS B 160 18.30 -0.06 -20.30
N TRP B 161 18.66 -1.20 -20.88
CA TRP B 161 19.30 -1.20 -22.21
C TRP B 161 18.32 -0.74 -23.25
N LEU B 162 17.14 -1.29 -23.24
CA LEU B 162 16.15 -0.84 -24.20
C LEU B 162 15.69 0.62 -24.06
N THR B 163 15.71 1.12 -22.84
CA THR B 163 15.33 2.54 -22.62
C THR B 163 16.45 3.44 -23.18
N LYS B 164 17.69 3.09 -22.88
CA LYS B 164 18.82 3.90 -23.26
C LYS B 164 19.03 3.78 -24.78
N GLU B 165 18.81 2.60 -25.37
CA GLU B 165 19.20 2.35 -26.77
C GLU B 165 18.07 2.32 -27.73
N LYS B 166 16.84 1.96 -27.31
CA LYS B 166 15.73 1.86 -28.27
C LYS B 166 14.45 2.56 -27.89
N LYS B 167 14.54 3.59 -27.09
CA LYS B 167 13.37 4.45 -26.83
C LYS B 167 12.18 3.71 -26.14
N LEU B 168 12.52 2.71 -25.33
CA LEU B 168 11.44 1.91 -24.66
C LEU B 168 10.53 2.90 -23.89
N TYR B 169 11.14 3.78 -23.13
CA TYR B 169 10.34 4.80 -22.47
C TYR B 169 11.03 6.14 -22.79
N GLU B 170 10.25 7.14 -23.12
CA GLU B 170 10.76 8.53 -23.23
C GLU B 170 9.96 9.48 -22.36
N PHE B 171 10.34 10.76 -22.29
CA PHE B 171 9.74 11.66 -21.33
C PHE B 171 8.28 11.66 -21.62
N ASP B 172 7.89 11.77 -22.89
CA ASP B 172 6.46 11.86 -23.18
C ASP B 172 5.99 10.74 -24.09
N GLY B 173 6.59 9.56 -24.02
CA GLY B 173 6.01 8.45 -24.73
C GLY B 173 7.00 7.38 -24.90
N SER B 174 7.05 6.85 -26.12
CA SER B 174 7.86 5.68 -26.36
C SER B 174 7.95 5.48 -27.93
N ALA B 175 8.95 4.76 -28.38
CA ALA B 175 9.01 4.28 -29.83
C ALA B 175 7.94 3.21 -30.02
N PHE B 176 7.46 2.64 -28.87
CA PHE B 176 6.35 1.64 -28.93
C PHE B 176 4.96 2.05 -28.42
N GLU B 177 3.97 1.20 -28.69
CA GLU B 177 2.64 1.44 -28.31
C GLU B 177 2.27 0.37 -27.17
N SER B 178 2.89 -0.82 -27.14
CA SER B 178 2.58 -1.82 -26.10
C SER B 178 3.64 -2.84 -26.12
N GLY B 179 3.68 -3.71 -25.14
CA GLY B 179 4.73 -4.73 -25.11
C GLY B 179 4.81 -5.49 -23.76
N TYR B 180 5.59 -6.59 -23.73
CA TYR B 180 5.74 -7.32 -22.49
C TYR B 180 7.01 -8.01 -22.54
N ILE B 181 7.54 -8.28 -21.36
CA ILE B 181 8.75 -9.00 -21.22
C ILE B 181 8.31 -10.41 -20.65
N LYS B 182 8.81 -11.52 -21.24
CA LYS B 182 8.39 -12.92 -20.84
C LYS B 182 9.58 -13.69 -20.37
N PHE B 183 9.51 -14.29 -19.20
CA PHE B 183 10.64 -15.09 -18.74
C PHE B 183 10.30 -16.60 -18.83
N THR B 184 11.23 -17.45 -19.27
CA THR B 184 10.97 -18.91 -19.32
C THR B 184 11.99 -19.65 -18.51
N GLU B 185 11.53 -20.41 -17.52
CA GLU B 185 12.44 -21.16 -16.68
C GLU B 185 12.80 -22.49 -17.32
N LYS B 186 13.93 -23.07 -16.90
CA LYS B 186 14.37 -24.41 -17.39
C LYS B 186 13.25 -25.49 -17.35
N ASN B 187 12.60 -25.73 -16.22
CA ASN B 187 11.40 -26.58 -16.19
C ASN B 187 10.29 -26.18 -17.18
N ASN B 188 10.55 -25.22 -18.05
CA ASN B 188 9.55 -24.90 -19.09
C ASN B 188 8.31 -24.01 -18.77
N THR B 189 8.12 -23.56 -17.53
CA THR B 189 7.04 -22.61 -17.29
C THR B 189 7.51 -21.13 -17.45
N SER B 190 6.51 -20.27 -17.62
CA SER B 190 6.76 -18.94 -18.02
C SER B 190 5.75 -17.98 -17.38
N PHE B 191 6.17 -16.73 -17.22
CA PHE B 191 5.31 -15.62 -16.80
C PHE B 191 5.82 -14.33 -17.55
N TRP B 192 5.02 -13.30 -17.49
CA TRP B 192 5.34 -12.04 -18.17
C TRP B 192 4.89 -10.83 -17.36
N PHE B 193 5.48 -9.67 -17.66
CA PHE B 193 5.01 -8.34 -17.16
C PHE B 193 4.70 -7.47 -18.35
N ASP B 194 3.55 -6.83 -18.29
CA ASP B 194 3.23 -5.66 -19.10
C ASP B 194 4.33 -4.56 -18.86
N LEU B 195 4.98 -4.12 -19.95
CA LEU B 195 6.06 -3.11 -19.79
C LEU B 195 5.54 -1.70 -19.49
N PHE B 196 4.29 -1.43 -19.80
CA PHE B 196 3.74 -0.08 -19.72
C PHE B 196 2.77 0.08 -18.57
N PRO B 197 2.59 1.31 -18.06
CA PRO B 197 1.69 1.61 -16.88
C PRO B 197 0.24 1.63 -17.30
N LYS B 198 -0.63 1.24 -16.37
CA LYS B 198 -2.05 1.34 -16.61
C LYS B 198 -2.42 2.75 -16.79
N LYS B 199 -3.43 2.95 -17.63
CA LYS B 199 -3.86 4.28 -17.98
C LYS B 199 -4.43 5.04 -16.82
N GLU B 200 -4.97 4.30 -15.84
CA GLU B 200 -5.50 4.95 -14.63
C GLU B 200 -4.38 5.50 -13.70
N LEU B 201 -3.17 4.98 -13.83
CA LEU B 201 -2.09 5.38 -12.90
C LEU B 201 -1.48 6.82 -13.18
N VAL B 202 -2.31 7.86 -13.03
CA VAL B 202 -1.96 9.24 -13.22
C VAL B 202 -2.55 10.07 -12.11
N PRO B 203 -1.75 10.85 -11.38
CA PRO B 203 -0.23 10.84 -11.29
C PRO B 203 0.32 9.47 -11.11
N PHE B 204 1.60 9.33 -11.51
CA PHE B 204 2.24 8.03 -11.50
C PHE B 204 2.47 7.76 -9.97
N VAL B 205 2.15 6.57 -9.54
CA VAL B 205 2.36 6.19 -8.14
C VAL B 205 3.25 4.94 -8.17
N PRO B 206 4.53 5.11 -7.87
CA PRO B 206 5.61 4.18 -8.15
C PRO B 206 5.32 2.84 -7.50
N TYR B 207 4.78 2.88 -6.27
CA TYR B 207 4.63 1.57 -5.56
C TYR B 207 3.63 0.69 -6.28
N LYS B 208 2.66 1.28 -6.95
CA LYS B 208 1.74 0.43 -7.65
C LYS B 208 2.29 -0.17 -8.92
N PHE B 209 3.41 0.35 -9.40
CA PHE B 209 4.00 -0.18 -10.62
C PHE B 209 5.04 -1.18 -10.22
N LEU B 210 5.81 -0.93 -9.18
CA LEU B 210 6.99 -1.74 -8.86
C LEU B 210 6.60 -2.94 -7.93
N ASN B 211 5.38 -2.95 -7.40
CA ASN B 211 5.03 -4.08 -6.50
C ASN B 211 5.04 -5.42 -7.16
N ILE B 212 5.12 -5.45 -8.49
CA ILE B 212 5.34 -6.72 -9.16
C ILE B 212 6.62 -7.37 -8.67
N TYR B 213 7.53 -6.62 -8.10
CA TYR B 213 8.79 -7.29 -7.67
C TYR B 213 8.69 -7.89 -6.23
N GLY B 214 7.59 -7.59 -5.56
CA GLY B 214 7.43 -7.96 -4.14
C GLY B 214 7.44 -9.46 -3.88
N ASP B 215 7.16 -10.29 -4.89
CA ASP B 215 7.23 -11.73 -4.68
C ASP B 215 8.67 -12.22 -4.62
N ASN B 216 9.65 -11.34 -4.87
CA ASN B 216 11.07 -11.70 -4.80
C ASN B 216 11.36 -13.05 -5.51
N LYS B 217 10.74 -13.22 -6.68
CA LYS B 217 10.97 -14.37 -7.53
C LYS B 217 12.43 -14.41 -7.91
N VAL B 218 13.04 -15.58 -7.67
CA VAL B 218 14.48 -15.88 -7.94
C VAL B 218 14.60 -17.01 -8.96
N VAL B 219 15.59 -16.90 -9.86
CA VAL B 219 15.73 -17.83 -10.97
C VAL B 219 17.19 -18.20 -11.16
N ASP B 220 17.41 -19.25 -11.93
CA ASP B 220 18.80 -19.66 -12.21
C ASP B 220 19.32 -18.91 -13.44
N SER B 221 20.33 -18.06 -13.25
CA SER B 221 20.96 -17.29 -14.35
C SER B 221 21.31 -18.15 -15.54
N LYS B 222 21.93 -19.30 -15.25
CA LYS B 222 22.50 -20.19 -16.29
C LYS B 222 21.47 -20.71 -17.25
N SER B 223 20.21 -20.78 -16.87
CA SER B 223 19.23 -21.41 -17.76
C SER B 223 18.05 -20.56 -18.15
N ILE B 224 17.84 -19.43 -17.47
CA ILE B 224 16.63 -18.59 -17.71
C ILE B 224 16.57 -18.10 -19.17
N LYS B 225 15.41 -18.13 -19.77
CA LYS B 225 15.26 -17.58 -21.08
C LYS B 225 14.49 -16.25 -20.97
N MET B 226 14.92 -15.21 -21.72
CA MET B 226 14.25 -13.89 -21.76
C MET B 226 13.81 -13.42 -23.15
N GLU B 227 12.56 -13.09 -23.28
CA GLU B 227 12.05 -12.58 -24.48
C GLU B 227 11.24 -11.28 -24.22
N VAL B 228 11.46 -10.27 -25.06
CA VAL B 228 10.62 -9.05 -25.10
C VAL B 228 9.86 -8.98 -26.37
N PHE B 229 8.59 -8.65 -26.29
CA PHE B 229 7.78 -8.45 -27.46
C PHE B 229 7.26 -7.01 -27.42
N LEU B 230 7.50 -6.23 -28.49
CA LEU B 230 7.05 -4.80 -28.57
C LEU B 230 6.22 -4.56 -29.80
N ASN B 231 5.17 -3.77 -29.69
CA ASN B 231 4.38 -3.35 -30.82
C ASN B 231 4.60 -1.82 -30.95
N THR B 232 4.81 -1.34 -32.22
CA THR B 232 4.82 0.10 -32.55
C THR B 232 3.38 0.55 -32.80
N HIS B 233 3.13 1.85 -32.73
CA HIS B 233 1.77 2.37 -33.00
C HIS B 233 1.33 2.22 -34.48
N ALA C 1 2.96 5.30 36.76
CA ALA C 1 3.73 6.12 35.77
C ALA C 1 3.33 5.91 34.27
N ALA C 2 4.27 5.37 33.51
CA ALA C 2 4.17 5.22 32.06
C ALA C 2 3.12 4.18 31.72
N VAL C 3 3.06 3.10 32.51
CA VAL C 3 2.17 2.00 32.29
C VAL C 3 1.47 1.63 33.58
N THR C 4 0.14 1.59 33.54
CA THR C 4 -0.70 1.24 34.72
C THR C 4 -1.44 -0.08 34.46
N GLN C 5 -1.09 -1.05 35.25
CA GLN C 5 -1.62 -2.42 35.18
C GLN C 5 -2.63 -2.61 36.36
N SER C 6 -3.85 -3.07 36.08
CA SER C 6 -4.74 -3.47 37.19
C SER C 6 -5.55 -4.73 36.88
N PRO C 7 -5.95 -5.49 37.92
CA PRO C 7 -5.62 -5.19 39.36
C PRO C 7 -4.18 -5.59 39.66
N ARG C 8 -3.60 -5.19 40.79
CA ARG C 8 -2.27 -5.68 41.22
C ARG C 8 -2.30 -7.07 41.80
N ASN C 9 -3.39 -7.45 42.46
CA ASN C 9 -3.53 -8.83 43.00
C ASN C 9 -4.94 -9.34 42.71
N LYS C 10 -5.09 -10.62 42.45
CA LYS C 10 -6.40 -11.13 42.13
C LYS C 10 -6.43 -12.60 42.53
N VAL C 11 -7.52 -12.97 43.21
CA VAL C 11 -7.79 -14.41 43.55
C VAL C 11 -9.06 -14.76 42.79
N ALA C 12 -8.97 -15.85 42.05
CA ALA C 12 -10.10 -16.23 41.20
C ALA C 12 -10.36 -17.68 41.42
N VAL C 13 -11.56 -18.09 41.02
CA VAL C 13 -11.87 -19.53 41.04
C VAL C 13 -11.83 -20.14 39.66
N THR C 14 -11.58 -21.45 39.56
CA THR C 14 -11.62 -22.20 38.32
C THR C 14 -12.86 -21.86 37.56
N GLY C 15 -12.69 -21.50 36.29
CA GLY C 15 -13.77 -21.15 35.36
C GLY C 15 -14.18 -19.73 35.52
N GLU C 16 -13.59 -18.93 36.41
CA GLU C 16 -14.02 -17.49 36.49
C GLU C 16 -13.42 -16.70 35.25
N LYS C 17 -14.17 -15.74 34.71
CA LYS C 17 -13.65 -14.85 33.64
C LYS C 17 -12.82 -13.76 34.35
N VAL C 18 -11.55 -13.63 33.98
CA VAL C 18 -10.66 -12.65 34.62
C VAL C 18 -10.12 -11.75 33.49
N THR C 19 -10.25 -10.44 33.65
CA THR C 19 -9.68 -9.49 32.67
C THR C 19 -8.59 -8.70 33.39
N LEU C 20 -7.35 -8.75 32.86
CA LEU C 20 -6.30 -7.84 33.36
C LEU C 20 -6.21 -6.66 32.40
N SER C 21 -6.04 -5.44 32.90
CA SER C 21 -5.95 -4.28 32.07
C SER C 21 -4.62 -3.65 32.14
N CYS C 22 -4.24 -3.03 31.04
CA CYS C 22 -2.98 -2.32 31.01
C CYS C 22 -3.34 -1.02 30.31
N GLN C 23 -3.10 0.09 30.98
CA GLN C 23 -3.36 1.35 30.40
C GLN C 23 -2.08 2.14 30.30
N GLN C 24 -1.86 2.77 29.15
CA GLN C 24 -0.74 3.68 29.01
C GLN C 24 -1.18 5.01 28.42
N THR C 25 -0.44 6.04 28.84
CA THR C 25 -0.68 7.44 28.43
C THR C 25 0.40 7.96 27.46
N ASN C 26 1.37 7.11 27.10
CA ASN C 26 2.46 7.46 26.18
C ASN C 26 2.14 7.44 24.69
N ASN C 27 0.92 7.11 24.29
CA ASN C 27 0.63 6.97 22.86
C ASN C 27 1.56 5.97 22.13
N HIS C 28 2.03 4.92 22.79
CA HIS C 28 2.81 3.95 22.08
C HIS C 28 1.89 3.11 21.21
N ASN C 29 2.34 2.72 20.02
CA ASN C 29 1.54 1.82 19.22
C ASN C 29 1.51 0.35 19.74
N ASN C 30 2.63 -0.13 20.28
CA ASN C 30 2.83 -1.59 20.61
C ASN C 30 2.62 -1.86 22.08
N MET C 31 1.83 -2.87 22.35
CA MET C 31 1.63 -3.25 23.76
C MET C 31 1.77 -4.79 23.83
N TYR C 32 2.06 -5.29 25.03
CA TYR C 32 2.55 -6.68 25.18
C TYR C 32 2.01 -7.19 26.56
N TRP C 33 1.58 -8.46 26.61
CA TRP C 33 1.28 -9.10 27.95
C TRP C 33 2.19 -10.30 28.10
N TYR C 34 2.91 -10.41 29.22
CA TYR C 34 3.74 -11.57 29.42
C TYR C 34 3.29 -12.30 30.77
N ARG C 35 3.76 -13.50 30.98
CA ARG C 35 3.65 -14.10 32.32
C ARG C 35 5.05 -14.46 32.74
N GLN C 36 5.28 -14.21 34.02
CA GLN C 36 6.52 -14.52 34.62
C GLN C 36 6.49 -15.81 35.44
N ASP C 37 7.30 -16.80 35.12
CA ASP C 37 7.36 -17.96 36.02
C ASP C 37 8.81 -18.32 36.32
N THR C 38 9.06 -18.87 37.52
CA THR C 38 10.39 -19.50 37.86
C THR C 38 10.91 -20.47 36.76
N GLY C 39 12.17 -20.29 36.35
CA GLY C 39 12.72 -21.10 35.24
C GLY C 39 12.28 -20.74 33.82
N HIS C 40 11.47 -19.69 33.65
CA HIS C 40 10.96 -19.36 32.29
C HIS C 40 11.05 -17.89 31.94
N GLY C 41 11.59 -17.02 32.82
CA GLY C 41 11.74 -15.53 32.55
C GLY C 41 10.35 -14.99 32.32
N LEU C 42 10.17 -14.04 31.40
CA LEU C 42 8.84 -13.59 31.03
C LEU C 42 8.56 -14.08 29.65
N ARG C 43 7.46 -14.79 29.50
CA ARG C 43 7.08 -15.30 28.18
C ARG C 43 5.90 -14.54 27.63
N LEU C 44 5.95 -14.26 26.33
CA LEU C 44 5.02 -13.34 25.74
C LEU C 44 3.75 -14.13 25.37
N ILE C 45 2.60 -13.62 25.75
CA ILE C 45 1.38 -14.38 25.53
C ILE C 45 0.62 -13.86 24.27
N HIS C 46 0.39 -12.55 24.26
CA HIS C 46 -0.25 -11.83 23.17
C HIS C 46 0.41 -10.43 23.07
N TYR C 47 0.39 -9.86 21.86
CA TYR C 47 0.85 -8.47 21.72
C TYR C 47 -0.04 -7.73 20.73
N SER C 48 0.22 -6.43 20.55
CA SER C 48 -0.68 -5.68 19.74
C SER C 48 0.18 -4.55 19.05
N TYR C 49 -0.13 -4.22 17.80
CA TYR C 49 0.61 -3.16 17.08
C TYR C 49 -0.24 -1.91 16.93
N GLY C 50 -1.45 -1.90 17.52
CA GLY C 50 -2.26 -0.73 17.44
C GLY C 50 -3.69 -1.10 17.74
N ALA C 51 -4.56 -0.10 17.81
CA ALA C 51 -6.00 -0.32 18.10
C ALA C 51 -6.59 -1.30 17.13
N GLY C 52 -7.34 -2.31 17.67
CA GLY C 52 -8.00 -3.34 16.86
C GLY C 52 -7.11 -4.46 16.37
N SER C 53 -5.84 -4.46 16.81
CA SER C 53 -4.89 -5.46 16.45
C SER C 53 -4.49 -6.31 17.67
N THR C 54 -4.56 -7.65 17.60
CA THR C 54 -3.84 -8.43 18.58
C THR C 54 -3.25 -9.61 17.87
N GLU C 55 -2.07 -10.03 18.31
CA GLU C 55 -1.46 -11.20 17.67
C GLU C 55 -0.86 -12.11 18.76
N LYS C 56 -0.66 -13.35 18.40
CA LYS C 56 -0.27 -14.42 19.36
C LYS C 56 1.21 -14.30 19.62
N GLY C 57 1.58 -14.36 20.89
CA GLY C 57 2.98 -14.37 21.29
C GLY C 57 3.45 -15.83 21.24
N ASP C 58 4.35 -16.21 22.13
CA ASP C 58 4.90 -17.54 22.12
C ASP C 58 4.03 -18.48 22.90
N ILE C 59 3.31 -17.99 23.91
CA ILE C 59 2.41 -18.92 24.63
C ILE C 59 0.99 -18.44 24.74
N PRO C 60 0.30 -18.38 23.62
CA PRO C 60 -1.02 -17.74 23.63
C PRO C 60 -2.20 -18.66 24.19
N ASP C 61 -2.02 -19.97 24.19
CA ASP C 61 -3.16 -20.90 24.51
C ASP C 61 -3.76 -20.58 25.86
N GLY C 62 -5.07 -20.42 25.84
CA GLY C 62 -5.95 -20.27 27.01
C GLY C 62 -6.19 -18.84 27.32
N TYR C 63 -5.59 -17.91 26.51
CA TYR C 63 -5.82 -16.47 26.71
C TYR C 63 -6.40 -15.80 25.49
N LYS C 64 -7.18 -14.76 25.71
CA LYS C 64 -7.55 -13.83 24.68
C LYS C 64 -7.01 -12.47 25.00
N ALA C 65 -7.19 -11.53 24.06
CA ALA C 65 -6.65 -10.20 24.29
C ALA C 65 -7.47 -9.26 23.50
N SER C 66 -7.52 -8.02 23.95
CA SER C 66 -8.27 -7.02 23.20
C SER C 66 -7.52 -5.67 23.24
N ARG C 67 -7.50 -4.93 22.11
CA ARG C 67 -6.86 -3.64 22.07
C ARG C 67 -7.96 -2.68 21.60
N PRO C 68 -8.87 -2.29 22.49
CA PRO C 68 -10.03 -1.47 22.07
C PRO C 68 -9.65 -0.02 21.76
N SER C 69 -8.48 0.45 22.19
CA SER C 69 -8.02 1.81 21.83
C SER C 69 -6.48 1.80 21.93
N GLN C 70 -5.85 2.90 21.51
CA GLN C 70 -4.39 3.05 21.62
C GLN C 70 -3.93 2.90 23.12
N GLU C 71 -4.72 3.44 24.07
CA GLU C 71 -4.31 3.43 25.46
C GLU C 71 -4.49 2.10 26.19
N GLN C 72 -5.36 1.18 25.70
CA GLN C 72 -5.78 0.04 26.55
C GLN C 72 -5.49 -1.30 25.91
N PHE C 73 -4.78 -2.17 26.60
CA PHE C 73 -4.59 -3.50 26.10
C PHE C 73 -5.01 -4.51 27.17
N SER C 74 -6.04 -5.34 26.93
CA SER C 74 -6.51 -6.23 28.04
C SER C 74 -6.16 -7.63 27.78
N LEU C 75 -5.89 -8.39 28.84
CA LEU C 75 -5.64 -9.78 28.65
C LEU C 75 -6.88 -10.48 29.29
N ILE C 76 -7.50 -11.44 28.58
CA ILE C 76 -8.82 -12.04 29.01
C ILE C 76 -8.60 -13.55 29.22
N LEU C 77 -8.90 -14.03 30.45
CA LEU C 77 -8.94 -15.45 30.70
C LEU C 77 -10.43 -15.74 30.78
N GLU C 78 -10.99 -16.35 29.74
CA GLU C 78 -12.47 -16.52 29.68
C GLU C 78 -12.92 -17.52 30.77
N SER C 79 -12.07 -18.45 31.10
CA SER C 79 -12.39 -19.49 32.01
C SER C 79 -11.13 -19.89 32.73
N ALA C 80 -10.77 -19.17 33.78
CA ALA C 80 -9.48 -19.43 34.44
C ALA C 80 -9.17 -20.89 34.81
N THR C 81 -7.92 -21.31 34.67
CA THR C 81 -7.50 -22.58 35.13
C THR C 81 -6.38 -22.35 36.11
N PRO C 82 -6.11 -23.30 37.02
CA PRO C 82 -5.01 -23.20 37.99
C PRO C 82 -3.63 -22.99 37.36
N SER C 83 -3.42 -23.59 36.18
CA SER C 83 -2.15 -23.46 35.42
C SER C 83 -1.89 -21.92 35.09
N GLN C 84 -2.94 -21.12 35.07
CA GLN C 84 -2.86 -19.68 34.89
C GLN C 84 -2.49 -18.89 36.10
N THR C 85 -2.31 -19.54 37.27
CA THR C 85 -1.73 -18.90 38.43
C THR C 85 -0.32 -18.41 38.08
N SER C 86 0.00 -17.13 38.28
CA SER C 86 1.29 -16.59 37.80
C SER C 86 1.37 -15.12 38.17
N VAL C 87 2.51 -14.48 37.97
CA VAL C 87 2.60 -13.04 37.95
C VAL C 87 2.57 -12.59 36.43
N TYR C 88 1.82 -11.56 36.10
CA TYR C 88 1.67 -11.14 34.72
C TYR C 88 2.20 -9.73 34.61
N PHE C 89 2.91 -9.44 33.52
CA PHE C 89 3.37 -8.06 33.32
C PHE C 89 2.96 -7.60 31.94
N CYS C 90 2.44 -6.41 31.88
CA CYS C 90 2.20 -5.82 30.58
C CYS C 90 3.30 -4.79 30.23
N ALA C 91 3.49 -4.47 28.94
CA ALA C 91 4.59 -3.51 28.61
C ALA C 91 4.06 -2.71 27.41
N SER C 92 4.56 -1.48 27.26
CA SER C 92 4.25 -0.78 26.05
C SER C 92 5.60 -0.35 25.44
N GLY C 93 5.58 -0.12 24.12
CA GLY C 93 6.83 0.18 23.42
C GLY C 93 6.59 1.20 22.35
N GLY C 94 7.59 2.08 22.28
CA GLY C 94 7.64 3.23 21.34
C GLY C 94 8.90 4.03 21.72
N GLY C 95 9.43 4.85 20.80
CA GLY C 95 10.83 5.32 20.93
C GLY C 95 11.83 4.16 21.15
N GLY C 96 11.54 2.95 20.64
CA GLY C 96 12.47 1.79 20.71
C GLY C 96 12.76 1.24 22.13
N THR C 97 12.13 1.85 23.16
CA THR C 97 12.32 1.41 24.60
C THR C 97 11.00 0.74 25.13
N LEU C 98 11.11 -0.44 25.79
CA LEU C 98 10.02 -1.05 26.59
C LEU C 98 9.76 -0.53 27.99
N TYR C 99 8.49 -0.20 28.27
CA TYR C 99 8.10 0.28 29.57
C TYR C 99 7.18 -0.79 30.19
N PHE C 100 7.40 -1.24 31.53
CA PHE C 100 6.62 -2.37 32.01
C PHE C 100 5.69 -1.88 33.07
N GLY C 101 4.49 -2.46 33.16
CA GLY C 101 3.63 -2.19 34.35
C GLY C 101 4.23 -2.82 35.60
N ALA C 102 3.59 -2.55 36.75
CA ALA C 102 4.07 -3.02 38.07
C ALA C 102 3.74 -4.49 38.37
N GLY C 103 3.03 -5.22 37.49
CA GLY C 103 2.93 -6.70 37.70
C GLY C 103 1.53 -7.01 38.32
N THR C 104 0.95 -8.19 38.01
CA THR C 104 -0.38 -8.59 38.52
C THR C 104 -0.16 -9.96 39.07
N ARG C 105 -0.41 -10.14 40.39
CA ARG C 105 -0.31 -11.51 40.89
C ARG C 105 -1.70 -12.19 40.80
N LEU C 106 -1.80 -13.34 40.13
CA LEU C 106 -3.11 -13.97 39.94
C LEU C 106 -3.02 -15.35 40.52
N SER C 107 -3.95 -15.71 41.42
CA SER C 107 -4.04 -17.12 41.91
C SER C 107 -5.38 -17.68 41.45
N VAL C 108 -5.37 -18.87 40.85
CA VAL C 108 -6.65 -19.42 40.39
C VAL C 108 -6.76 -20.75 41.17
N LEU C 109 -7.88 -20.91 41.87
CA LEU C 109 -7.97 -22.00 42.89
C LEU C 109 -8.84 -23.15 42.44
N PRO D 2 -18.03 -15.57 -11.59
CA PRO D 2 -17.67 -17.03 -11.72
C PRO D 2 -17.58 -17.78 -10.33
N ASP D 3 -18.61 -18.56 -9.93
CA ASP D 3 -18.76 -19.06 -8.50
C ASP D 3 -17.55 -19.79 -7.91
N PRO D 4 -17.38 -19.75 -6.57
CA PRO D 4 -16.22 -20.49 -6.08
C PRO D 4 -16.54 -21.92 -5.62
N LYS D 5 -15.59 -22.84 -5.76
CA LYS D 5 -15.62 -24.14 -5.06
C LYS D 5 -14.90 -24.02 -3.69
N LEU D 6 -15.16 -24.93 -2.75
CA LEU D 6 -14.31 -24.99 -1.50
C LEU D 6 -12.81 -25.37 -1.74
N ASP D 7 -12.36 -25.55 -2.99
CA ASP D 7 -10.91 -25.84 -3.19
C ASP D 7 -10.18 -24.52 -3.08
N GLU D 8 -10.82 -23.48 -3.60
CA GLU D 8 -10.14 -22.21 -3.63
C GLU D 8 -10.35 -21.39 -2.36
N LEU D 9 -11.32 -21.68 -1.50
CA LEU D 9 -11.66 -20.60 -0.54
C LEU D 9 -10.74 -20.59 0.64
N ASN D 10 -10.56 -19.44 1.27
CA ASN D 10 -9.61 -19.38 2.43
C ASN D 10 -10.17 -20.18 3.60
N LYS D 11 -9.29 -20.83 4.36
CA LYS D 11 -9.79 -21.73 5.41
C LYS D 11 -9.54 -21.15 6.79
N VAL D 12 -10.52 -21.23 7.67
CA VAL D 12 -10.32 -20.81 9.07
C VAL D 12 -9.20 -21.61 9.71
N SER D 13 -9.14 -22.91 9.47
CA SER D 13 -8.11 -23.73 10.08
C SER D 13 -6.71 -23.43 9.54
N ASP D 14 -6.56 -23.08 8.25
CA ASP D 14 -5.18 -22.64 7.86
C ASP D 14 -4.77 -21.35 8.57
N TYR D 15 -5.70 -20.43 8.74
CA TYR D 15 -5.39 -19.14 9.41
C TYR D 15 -4.81 -19.43 10.82
N LYS D 16 -5.55 -20.25 11.56
CA LYS D 16 -5.09 -20.66 12.90
C LYS D 16 -3.78 -21.43 12.87
N SER D 17 -3.59 -22.35 11.90
CA SER D 17 -2.28 -23.09 11.89
C SER D 17 -1.16 -22.19 11.59
N ASN D 18 -1.39 -21.09 10.83
CA ASN D 18 -0.30 -20.14 10.58
C ASN D 18 -0.16 -19.11 11.71
N LYS D 19 -0.74 -19.40 12.89
CA LYS D 19 -0.66 -18.51 14.07
C LYS D 19 -1.42 -17.21 13.91
N GLY D 20 -2.42 -17.19 13.04
CA GLY D 20 -3.28 -16.04 12.91
C GLY D 20 -4.35 -15.98 14.00
N THR D 21 -4.79 -14.76 14.30
CA THR D 21 -5.86 -14.51 15.22
C THR D 21 -7.06 -14.02 14.47
N MET D 22 -8.08 -14.86 14.35
CA MET D 22 -9.31 -14.45 13.69
C MET D 22 -10.03 -13.29 14.35
N GLY D 23 -9.78 -13.11 15.63
CA GLY D 23 -10.29 -11.89 16.34
C GLY D 23 -9.99 -10.57 15.65
N ASN D 24 -8.94 -10.53 14.83
CA ASN D 24 -8.69 -9.24 14.05
C ASN D 24 -9.81 -8.96 13.11
N VAL D 25 -10.29 -9.98 12.39
CA VAL D 25 -11.40 -9.74 11.46
C VAL D 25 -12.70 -9.64 12.23
N MET D 26 -12.89 -10.47 13.25
CA MET D 26 -14.07 -10.24 14.15
C MET D 26 -14.28 -8.80 14.54
N ASN D 27 -13.18 -8.15 15.03
CA ASN D 27 -13.35 -6.75 15.46
C ASN D 27 -13.71 -5.75 14.36
N LEU D 28 -13.23 -5.98 13.11
CA LEU D 28 -13.65 -5.10 12.02
C LEU D 28 -15.19 -5.16 11.85
N TYR D 29 -15.80 -6.33 11.90
CA TYR D 29 -17.27 -6.39 11.63
C TYR D 29 -18.14 -6.35 12.90
N MET D 30 -17.53 -6.51 14.09
CA MET D 30 -18.28 -6.26 15.36
C MET D 30 -18.23 -4.85 15.79
N SER D 31 -17.08 -4.18 15.69
CA SER D 31 -17.08 -2.75 16.02
C SER D 31 -17.96 -1.91 15.09
N PRO D 32 -18.42 -0.74 15.57
CA PRO D 32 -19.28 0.14 14.76
C PRO D 32 -18.58 0.56 13.40
N PRO D 33 -19.37 0.77 12.35
CA PRO D 33 -18.75 1.31 11.09
C PRO D 33 -18.47 2.81 11.25
N VAL D 34 -17.63 3.35 10.39
CA VAL D 34 -17.51 4.83 10.28
C VAL D 34 -18.73 5.38 9.52
N GLU D 35 -19.35 6.48 9.96
CA GLU D 35 -20.50 7.02 9.18
C GLU D 35 -20.50 8.53 9.22
N GLY D 36 -20.89 9.13 8.12
CA GLY D 36 -21.19 10.56 8.15
C GLY D 36 -22.20 10.85 7.09
N ARG D 37 -22.90 11.97 7.19
CA ARG D 37 -23.91 12.31 6.25
C ARG D 37 -23.64 13.72 5.76
N GLY D 38 -23.70 13.89 4.44
CA GLY D 38 -23.62 15.27 3.89
C GLY D 38 -22.26 15.93 4.13
N VAL D 39 -21.13 15.17 4.05
CA VAL D 39 -19.83 15.75 4.44
C VAL D 39 -19.00 16.03 3.14
N ILE D 40 -18.08 16.97 3.22
CA ILE D 40 -17.23 17.27 2.06
C ILE D 40 -15.80 17.06 2.55
N ASN D 41 -14.94 16.47 1.72
CA ASN D 41 -13.56 16.14 2.21
C ASN D 41 -12.83 17.46 2.55
N SER D 42 -12.02 17.46 3.60
CA SER D 42 -11.33 18.64 3.99
C SER D 42 -9.95 18.69 3.28
N ARG D 43 -9.38 17.54 2.92
CA ARG D 43 -8.01 17.48 2.40
C ARG D 43 -7.74 16.11 1.81
N GLN D 44 -6.49 15.85 1.38
CA GLN D 44 -6.10 14.59 0.79
C GLN D 44 -4.67 14.32 1.19
N PHE D 45 -4.26 13.06 1.09
CA PHE D 45 -2.88 12.70 1.32
C PHE D 45 -2.32 12.49 -0.09
N LEU D 46 -2.63 11.36 -0.71
CA LEU D 46 -2.32 11.17 -2.14
C LEU D 46 -3.56 11.48 -3.01
N SER D 47 -3.41 11.55 -4.32
CA SER D 47 -4.48 11.97 -5.18
C SER D 47 -5.58 10.88 -5.36
N HIS D 48 -5.35 9.63 -4.91
CA HIS D 48 -6.44 8.62 -4.92
C HIS D 48 -7.07 8.44 -3.51
N ASP D 49 -6.86 9.36 -2.56
CA ASP D 49 -7.59 9.22 -1.33
C ASP D 49 -8.23 10.55 -0.99
N LEU D 50 -9.18 10.52 -0.05
CA LEU D 50 -9.83 11.78 0.45
C LEU D 50 -9.93 11.68 1.96
N ILE D 51 -9.69 12.80 2.61
CA ILE D 51 -9.71 12.85 4.05
C ILE D 51 -10.92 13.70 4.44
N PHE D 52 -11.70 13.19 5.37
CA PHE D 52 -12.98 13.74 5.76
C PHE D 52 -12.93 14.03 7.23
N PRO D 53 -13.42 15.20 7.61
CA PRO D 53 -13.31 15.73 8.92
C PRO D 53 -14.34 15.23 9.82
N ILE D 54 -14.43 13.94 10.10
CA ILE D 54 -15.48 13.41 10.89
C ILE D 54 -15.09 12.39 11.92
N GLU D 55 -15.86 12.50 13.00
CA GLU D 55 -15.77 11.71 14.28
C GLU D 55 -16.24 10.24 14.51
N TYR D 56 -15.25 9.37 14.81
CA TYR D 56 -15.49 7.97 15.17
C TYR D 56 -14.75 7.74 16.47
N LYS D 57 -15.45 7.42 17.56
CA LYS D 57 -14.75 7.15 18.85
C LYS D 57 -13.81 8.32 19.14
N SER D 58 -12.54 8.12 19.42
CA SER D 58 -11.78 9.35 19.75
C SER D 58 -11.14 10.01 18.50
N TYR D 59 -11.39 9.47 17.30
CA TYR D 59 -10.72 10.05 16.07
C TYR D 59 -11.55 11.19 15.46
N ASN D 60 -10.89 12.15 14.83
CA ASN D 60 -11.56 13.38 14.28
C ASN D 60 -11.51 13.45 12.73
N GLU D 61 -10.73 12.58 12.13
CA GLU D 61 -10.61 12.51 10.63
C GLU D 61 -10.55 11.13 10.21
N VAL D 62 -10.99 10.82 8.97
CA VAL D 62 -10.83 9.48 8.40
C VAL D 62 -10.26 9.67 6.98
N LYS D 63 -9.23 8.90 6.61
CA LYS D 63 -8.79 8.95 5.24
C LYS D 63 -9.49 7.78 4.56
N THR D 64 -10.28 8.04 3.50
CA THR D 64 -10.69 6.92 2.71
C THR D 64 -9.95 6.86 1.38
N GLU D 65 -9.61 5.66 1.02
CA GLU D 65 -8.82 5.44 -0.13
C GLU D 65 -9.63 4.84 -1.24
N LEU D 66 -9.42 5.35 -2.46
CA LEU D 66 -10.09 4.80 -3.68
C LEU D 66 -9.08 4.07 -4.50
N GLU D 67 -9.55 3.28 -5.46
CA GLU D 67 -8.69 2.36 -6.20
C GLU D 67 -7.84 3.28 -7.20
N ASN D 68 -8.38 4.42 -7.63
CA ASN D 68 -7.51 5.31 -8.49
C ASN D 68 -7.95 6.72 -8.36
N THR D 69 -7.15 7.62 -8.95
CA THR D 69 -7.40 9.04 -8.86
C THR D 69 -8.69 9.48 -9.45
N GLU D 70 -9.05 8.89 -10.57
CA GLU D 70 -10.30 9.39 -11.24
C GLU D 70 -11.55 9.08 -10.30
N LEU D 71 -11.59 7.87 -9.74
CA LEU D 71 -12.60 7.56 -8.70
C LEU D 71 -12.57 8.54 -7.50
N ALA D 72 -11.41 8.89 -6.95
CA ALA D 72 -11.38 9.92 -5.92
C ALA D 72 -11.90 11.25 -6.40
N ASN D 73 -11.55 11.57 -7.66
CA ASN D 73 -12.06 12.84 -8.22
C ASN D 73 -13.56 12.85 -8.42
N ASN D 74 -14.20 11.67 -8.62
CA ASN D 74 -15.65 11.59 -8.68
C ASN D 74 -16.29 12.19 -7.43
N TYR D 75 -15.62 12.07 -6.25
CA TYR D 75 -16.26 12.48 -4.97
C TYR D 75 -15.65 13.70 -4.34
N LYS D 76 -14.44 14.11 -4.79
CA LYS D 76 -13.70 15.18 -4.15
C LYS D 76 -14.51 16.49 -4.17
N GLY D 77 -14.59 17.22 -3.04
CA GLY D 77 -15.29 18.49 -3.07
C GLY D 77 -16.84 18.34 -3.19
N LYS D 78 -17.35 17.11 -3.27
CA LYS D 78 -18.82 16.92 -3.36
C LYS D 78 -19.43 16.50 -2.00
N LYS D 79 -20.72 16.80 -1.83
CA LYS D 79 -21.39 16.39 -0.56
C LYS D 79 -21.74 14.91 -0.61
N VAL D 80 -21.16 14.10 0.28
CA VAL D 80 -21.32 12.66 0.18
C VAL D 80 -21.76 12.12 1.52
N ASP D 81 -22.23 10.89 1.49
CA ASP D 81 -22.36 10.15 2.72
C ASP D 81 -21.26 9.08 2.72
N ILE D 82 -20.80 8.76 3.91
CA ILE D 82 -19.71 7.78 4.08
C ILE D 82 -20.24 6.62 4.94
N PHE D 83 -19.92 5.39 4.55
CA PHE D 83 -20.27 4.25 5.43
C PHE D 83 -19.22 3.24 5.19
N GLY D 84 -18.42 2.96 6.21
CA GLY D 84 -17.49 1.86 6.00
C GLY D 84 -16.74 1.35 7.22
N VAL D 85 -15.85 0.44 6.91
CA VAL D 85 -15.09 -0.32 7.90
C VAL D 85 -13.69 0.35 8.14
N PRO D 86 -13.47 0.94 9.35
CA PRO D 86 -12.20 1.60 9.66
C PRO D 86 -11.07 0.63 10.15
N TYR D 87 -9.80 1.06 10.04
CA TYR D 87 -8.68 0.33 10.63
C TYR D 87 -7.66 1.35 11.09
N PHE D 88 -6.71 0.95 11.95
CA PHE D 88 -5.90 1.83 12.74
C PHE D 88 -4.46 1.34 12.62
N TYR D 89 -4.24 0.04 12.84
CA TYR D 89 -2.92 -0.52 12.60
C TYR D 89 -2.65 -0.52 11.09
N THR D 90 -1.52 0.05 10.71
CA THR D 90 -0.98 0.25 9.30
C THR D 90 -1.65 1.49 8.66
N CYS D 91 -2.59 2.17 9.34
CA CYS D 91 -3.25 3.37 8.75
C CYS D 91 -2.18 4.49 8.62
N ILE D 92 -2.10 5.16 7.46
CA ILE D 92 -1.12 6.28 7.34
C ILE D 92 -1.97 7.49 6.93
N ILE D 93 -1.98 8.49 7.77
CA ILE D 93 -2.71 9.69 7.54
C ILE D 93 -1.79 10.84 8.07
N PRO D 94 -1.07 11.54 7.19
CA PRO D 94 -0.18 12.60 7.69
C PRO D 94 -0.94 13.79 8.27
N LYS D 95 -0.31 14.52 9.17
CA LYS D 95 -0.94 15.72 9.79
C LYS D 95 -1.04 16.85 8.76
N SER D 96 -1.82 17.88 9.08
CA SER D 96 -1.98 19.11 8.24
C SER D 96 -0.74 19.96 7.84
N GLU D 97 -0.05 20.50 8.86
CA GLU D 97 0.96 21.59 8.66
C GLU D 97 2.05 21.56 9.74
N ASN D 103 3.05 10.29 14.96
CA ASN D 103 2.55 11.51 14.32
C ASN D 103 1.82 11.29 12.94
N PHE D 104 1.85 10.08 12.38
CA PHE D 104 1.05 9.78 11.16
C PHE D 104 0.01 8.63 11.28
N GLY D 105 -0.36 8.27 12.51
CA GLY D 105 -1.42 7.29 12.79
C GLY D 105 -2.81 7.95 12.75
N GLY D 106 -3.85 7.15 12.68
CA GLY D 106 -5.23 7.74 12.77
C GLY D 106 -6.20 6.75 12.26
N CYS D 107 -7.29 7.23 11.61
CA CYS D 107 -8.23 6.28 11.15
C CYS D 107 -8.38 6.28 9.60
N CYS D 108 -8.30 5.08 9.02
CA CYS D 108 -8.39 4.87 7.55
C CYS D 108 -9.53 3.93 7.15
N MET D 109 -9.86 3.91 5.86
CA MET D 109 -10.84 2.96 5.33
C MET D 109 -10.68 2.96 3.79
N TYR D 110 -11.46 2.15 3.08
CA TYR D 110 -11.52 2.15 1.63
C TYR D 110 -12.95 2.50 1.25
N GLY D 111 -13.07 3.32 0.19
CA GLY D 111 -14.31 3.45 -0.49
C GLY D 111 -15.36 4.08 0.43
N GLY D 112 -16.57 3.53 0.40
CA GLY D 112 -17.58 4.01 1.40
C GLY D 112 -18.46 5.17 0.99
N LEU D 113 -18.31 5.70 -0.23
CA LEU D 113 -18.92 6.99 -0.50
C LEU D 113 -20.12 6.87 -1.40
N THR D 114 -21.12 7.69 -1.13
CA THR D 114 -22.24 7.81 -2.08
C THR D 114 -22.60 9.30 -2.08
N PHE D 115 -23.18 9.84 -3.16
CA PHE D 115 -23.57 11.25 -3.10
C PHE D 115 -24.74 11.39 -2.16
N ASN D 116 -24.72 12.42 -1.32
CA ASN D 116 -25.82 12.74 -0.43
C ASN D 116 -27.06 13.26 -1.25
N SER D 117 -28.27 12.88 -0.82
CA SER D 117 -29.48 13.12 -1.60
C SER D 117 -30.72 13.16 -0.71
N SER D 118 -31.56 14.19 -0.90
CA SER D 118 -32.92 14.31 -0.30
C SER D 118 -33.80 13.10 -0.59
N GLU D 119 -33.47 12.39 -1.67
CA GLU D 119 -34.21 11.25 -2.17
C GLU D 119 -33.96 9.95 -1.40
N ASN D 120 -32.91 9.93 -0.59
CA ASN D 120 -32.63 8.79 0.29
C ASN D 120 -33.41 8.96 1.59
N GLU D 121 -34.67 8.53 1.53
CA GLU D 121 -35.62 8.84 2.59
C GLU D 121 -36.44 7.62 2.90
N ARG D 122 -36.18 7.09 4.07
CA ARG D 122 -36.73 5.79 4.51
C ARG D 122 -36.22 4.46 3.83
N ASP D 123 -36.21 3.46 4.70
CA ASP D 123 -35.41 2.26 4.54
C ASP D 123 -35.76 1.35 3.38
N LYS D 124 -34.78 0.73 2.78
CA LYS D 124 -35.07 -0.45 2.05
C LYS D 124 -34.69 -1.58 2.98
N LEU D 125 -35.45 -2.66 2.83
CA LEU D 125 -35.28 -3.84 3.59
C LEU D 125 -34.65 -4.85 2.67
N ILE D 126 -33.64 -5.60 3.10
CA ILE D 126 -33.02 -6.49 2.15
C ILE D 126 -32.85 -7.78 2.89
N THR D 127 -33.33 -8.87 2.30
CA THR D 127 -33.19 -10.12 3.00
C THR D 127 -31.94 -10.81 2.47
N VAL D 128 -31.18 -11.34 3.41
CA VAL D 128 -29.97 -12.04 3.14
C VAL D 128 -30.22 -13.50 3.36
N GLN D 129 -30.03 -14.30 2.34
CA GLN D 129 -30.27 -15.74 2.46
C GLN D 129 -29.00 -16.43 2.92
N VAL D 130 -29.04 -17.25 3.98
CA VAL D 130 -27.87 -17.96 4.39
C VAL D 130 -27.98 -19.42 4.11
N THR D 131 -26.94 -20.01 3.57
CA THR D 131 -26.92 -21.41 3.37
C THR D 131 -25.75 -21.94 4.08
N ILE D 132 -25.97 -22.90 4.97
CA ILE D 132 -24.84 -23.55 5.61
C ILE D 132 -24.72 -25.02 5.24
N ASP D 133 -23.55 -25.49 4.77
CA ASP D 133 -23.36 -26.93 4.40
C ASP D 133 -24.51 -27.35 3.41
N ASN D 134 -24.83 -26.52 2.41
CA ASN D 134 -25.97 -26.82 1.48
C ASN D 134 -27.37 -26.95 2.09
N ARG D 135 -27.54 -26.63 3.36
CA ARG D 135 -28.86 -26.47 3.94
C ARG D 135 -29.22 -25.00 3.91
N GLN D 136 -30.17 -24.67 3.05
CA GLN D 136 -30.65 -23.32 3.08
C GLN D 136 -31.49 -23.12 4.33
N SER D 137 -30.84 -22.77 5.43
CA SER D 137 -31.54 -22.78 6.70
C SER D 137 -31.87 -21.46 7.48
N LEU D 138 -31.21 -20.33 7.16
CA LEU D 138 -31.48 -19.04 7.85
C LEU D 138 -31.73 -17.92 6.87
N GLY D 139 -32.42 -16.89 7.31
CA GLY D 139 -32.48 -15.67 6.52
C GLY D 139 -32.60 -14.56 7.50
N PHE D 140 -32.03 -13.40 7.16
CA PHE D 140 -32.21 -12.22 8.02
C PHE D 140 -32.32 -11.01 7.15
N THR D 141 -32.72 -9.90 7.74
CA THR D 141 -32.90 -8.76 6.89
C THR D 141 -31.95 -7.64 7.39
N ILE D 142 -31.45 -6.85 6.47
CA ILE D 142 -30.74 -5.65 6.90
C ILE D 142 -31.46 -4.56 6.22
N THR D 143 -31.19 -3.31 6.62
CA THR D 143 -31.75 -2.15 5.97
C THR D 143 -30.68 -1.08 5.70
N THR D 144 -30.97 -0.24 4.69
CA THR D 144 -30.21 1.01 4.46
C THR D 144 -31.24 1.99 3.97
N ASN D 145 -31.12 3.27 4.35
CA ASN D 145 -31.99 4.21 3.67
C ASN D 145 -31.52 4.68 2.30
N LYS D 146 -30.42 4.13 1.78
CA LYS D 146 -29.86 4.66 0.54
C LYS D 146 -30.36 3.94 -0.69
N ASN D 147 -30.90 4.69 -1.66
CA ASN D 147 -31.27 4.04 -2.93
C ASN D 147 -30.09 3.46 -3.67
N MET D 148 -29.02 4.24 -3.77
CA MET D 148 -27.76 3.68 -4.33
C MET D 148 -26.85 3.55 -3.06
N VAL D 149 -26.39 2.35 -2.78
CA VAL D 149 -25.70 2.11 -1.51
C VAL D 149 -24.41 1.40 -1.86
N THR D 150 -23.32 1.57 -1.08
CA THR D 150 -22.09 0.79 -1.43
C THR D 150 -22.28 -0.67 -1.10
N ILE D 151 -21.64 -1.55 -1.84
CA ILE D 151 -21.55 -2.91 -1.46
C ILE D 151 -20.93 -3.06 -0.05
N GLN D 152 -19.91 -2.22 0.27
CA GLN D 152 -19.31 -2.20 1.59
C GLN D 152 -20.32 -2.14 2.74
N GLU D 153 -21.22 -1.16 2.70
CA GLU D 153 -22.30 -1.01 3.69
C GLU D 153 -23.17 -2.27 3.85
N LEU D 154 -23.61 -2.84 2.74
CA LEU D 154 -24.38 -4.08 2.75
C LEU D 154 -23.60 -5.23 3.30
N ASP D 155 -22.34 -5.42 2.84
CA ASP D 155 -21.45 -6.44 3.34
C ASP D 155 -21.20 -6.28 4.85
N TYR D 156 -20.84 -5.07 5.27
CA TYR D 156 -20.62 -4.86 6.72
C TYR D 156 -21.89 -5.39 7.51
N LYS D 157 -23.08 -4.98 7.06
CA LYS D 157 -24.29 -5.20 7.88
C LYS D 157 -24.58 -6.67 7.93
N ALA D 158 -24.39 -7.34 6.81
CA ALA D 158 -24.54 -8.74 6.75
C ALA D 158 -23.55 -9.42 7.67
N ARG D 159 -22.25 -9.05 7.58
CA ARG D 159 -21.28 -9.76 8.39
C ARG D 159 -21.45 -9.41 9.87
N HIS D 160 -21.84 -8.19 10.14
CA HIS D 160 -21.90 -7.81 11.52
C HIS D 160 -23.03 -8.69 12.19
N TRP D 161 -24.16 -8.84 11.51
CA TRP D 161 -25.27 -9.74 12.09
C TRP D 161 -24.74 -11.15 12.33
N LEU D 162 -24.06 -11.68 11.33
CA LEU D 162 -23.55 -13.02 11.42
C LEU D 162 -22.51 -13.24 12.46
N THR D 163 -21.69 -12.22 12.71
CA THR D 163 -20.61 -12.35 13.69
C THR D 163 -21.26 -12.27 15.08
N LYS D 164 -22.22 -11.40 15.23
CA LYS D 164 -22.88 -11.16 16.53
C LYS D 164 -23.76 -12.40 16.91
N GLU D 165 -24.52 -12.96 15.93
CA GLU D 165 -25.57 -14.01 16.18
C GLU D 165 -25.09 -15.40 15.82
N LYS D 166 -24.17 -15.52 14.83
CA LYS D 166 -23.81 -16.86 14.37
C LYS D 166 -22.35 -17.23 14.39
N LYS D 167 -21.56 -16.50 15.16
CA LYS D 167 -20.16 -16.88 15.34
C LYS D 167 -19.38 -16.87 14.01
N LEU D 168 -19.75 -15.99 13.11
CA LEU D 168 -18.96 -15.88 11.79
C LEU D 168 -17.46 -15.76 12.04
N TYR D 169 -17.07 -14.88 12.95
CA TYR D 169 -15.69 -14.80 13.32
C TYR D 169 -15.63 -14.82 14.91
N GLU D 170 -14.68 -15.50 15.48
CA GLU D 170 -14.47 -15.46 16.92
C GLU D 170 -13.02 -15.13 17.16
N PHE D 171 -12.62 -15.04 18.41
CA PHE D 171 -11.26 -14.57 18.70
C PHE D 171 -10.28 -15.54 18.05
N ASP D 172 -10.55 -16.84 18.12
CA ASP D 172 -9.54 -17.78 17.65
C ASP D 172 -10.18 -18.73 16.68
N GLY D 173 -11.16 -18.30 15.93
CA GLY D 173 -11.80 -19.22 15.02
C GLY D 173 -13.08 -18.71 14.50
N SER D 174 -14.03 -19.65 14.36
CA SER D 174 -15.29 -19.38 13.73
C SER D 174 -16.15 -20.69 13.96
N ALA D 175 -17.47 -20.59 13.86
CA ALA D 175 -18.32 -21.80 13.72
C ALA D 175 -18.05 -22.43 12.33
N PHE D 176 -17.45 -21.67 11.39
CA PHE D 176 -17.26 -22.18 10.04
C PHE D 176 -15.88 -22.40 9.65
N GLU D 177 -15.69 -23.04 8.49
CA GLU D 177 -14.40 -23.33 7.95
C GLU D 177 -14.06 -22.46 6.66
N SER D 178 -15.08 -22.13 5.84
CA SER D 178 -14.83 -21.35 4.61
C SER D 178 -16.16 -20.81 4.22
N GLY D 179 -16.21 -19.71 3.43
CA GLY D 179 -17.49 -19.23 2.90
C GLY D 179 -17.38 -17.98 2.06
N TYR D 180 -18.50 -17.46 1.52
CA TYR D 180 -18.39 -16.32 0.69
C TYR D 180 -19.71 -15.66 0.70
N ILE D 181 -19.67 -14.35 0.44
CA ILE D 181 -20.91 -13.62 0.33
C ILE D 181 -21.04 -13.32 -1.17
N LYS D 182 -22.28 -13.41 -1.71
CA LYS D 182 -22.47 -13.28 -3.19
C LYS D 182 -23.50 -12.26 -3.45
N PHE D 183 -23.18 -11.25 -4.26
CA PHE D 183 -24.15 -10.21 -4.58
C PHE D 183 -24.63 -10.40 -6.05
N THR D 184 -25.93 -10.27 -6.31
CA THR D 184 -26.42 -10.42 -7.70
C THR D 184 -27.24 -9.19 -8.01
N GLU D 185 -26.83 -8.44 -9.05
CA GLU D 185 -27.62 -7.23 -9.47
C GLU D 185 -28.82 -7.52 -10.42
N LYS D 186 -29.70 -6.53 -10.56
CA LYS D 186 -30.93 -6.59 -11.44
C LYS D 186 -30.66 -7.24 -12.82
N ASN D 187 -29.57 -6.83 -13.47
CA ASN D 187 -29.18 -7.34 -14.79
C ASN D 187 -28.61 -8.74 -14.70
N ASN D 188 -28.86 -9.42 -13.59
CA ASN D 188 -28.29 -10.75 -13.32
C ASN D 188 -26.76 -11.01 -13.37
N THR D 189 -25.94 -9.97 -13.33
CA THR D 189 -24.52 -10.20 -13.12
C THR D 189 -24.25 -10.27 -11.58
N SER D 190 -23.15 -10.89 -11.19
CA SER D 190 -22.92 -11.14 -9.80
C SER D 190 -21.44 -11.20 -9.48
N PHE D 191 -21.12 -11.05 -8.19
CA PHE D 191 -19.71 -11.20 -7.77
C PHE D 191 -19.74 -11.63 -6.31
N TRP D 192 -18.61 -12.11 -5.81
CA TRP D 192 -18.60 -12.55 -4.45
C TRP D 192 -17.30 -12.16 -3.76
N PHE D 193 -17.28 -12.17 -2.41
CA PHE D 193 -16.03 -12.00 -1.64
C PHE D 193 -15.85 -13.24 -0.77
N ASP D 194 -14.63 -13.71 -0.66
CA ASP D 194 -14.28 -14.72 0.25
C ASP D 194 -14.32 -14.08 1.67
N LEU D 195 -15.01 -14.73 2.62
CA LEU D 195 -15.30 -14.13 3.95
C LEU D 195 -14.12 -14.20 4.87
N PHE D 196 -13.18 -15.06 4.57
CA PHE D 196 -12.11 -15.31 5.50
C PHE D 196 -10.74 -14.83 4.98
N PRO D 197 -9.79 -14.53 5.87
CA PRO D 197 -8.45 -14.00 5.46
C PRO D 197 -7.54 -15.04 4.89
N LYS D 198 -6.64 -14.64 3.96
CA LYS D 198 -5.65 -15.53 3.45
C LYS D 198 -4.77 -15.96 4.53
N LYS D 199 -4.33 -17.21 4.39
CA LYS D 199 -3.51 -17.80 5.43
C LYS D 199 -2.13 -17.12 5.60
N GLU D 200 -1.67 -16.43 4.53
CA GLU D 200 -0.41 -15.71 4.57
C GLU D 200 -0.48 -14.40 5.32
N LEU D 201 -1.68 -13.93 5.57
CA LEU D 201 -1.88 -12.59 6.17
C LEU D 201 -1.81 -12.64 7.75
N VAL D 202 -0.66 -13.01 8.22
CA VAL D 202 -0.30 -13.02 9.63
C VAL D 202 1.09 -12.34 9.76
N PRO D 203 1.20 -11.35 10.57
CA PRO D 203 0.12 -10.68 11.33
C PRO D 203 -0.95 -10.15 10.38
N PHE D 204 -2.14 -9.83 10.93
CA PHE D 204 -3.25 -9.39 10.16
C PHE D 204 -2.88 -7.92 9.77
N VAL D 205 -2.96 -7.64 8.47
CA VAL D 205 -2.66 -6.29 7.88
C VAL D 205 -3.96 -5.80 7.29
N PRO D 206 -4.64 -4.92 8.03
CA PRO D 206 -6.00 -4.67 7.66
C PRO D 206 -6.20 -4.08 6.26
N TYR D 207 -5.26 -3.21 5.81
CA TYR D 207 -5.41 -2.65 4.47
C TYR D 207 -5.42 -3.69 3.38
N LYS D 208 -4.73 -4.81 3.56
CA LYS D 208 -4.81 -5.82 2.52
C LYS D 208 -6.07 -6.67 2.52
N PHE D 209 -6.85 -6.54 3.58
CA PHE D 209 -8.14 -7.31 3.62
C PHE D 209 -9.23 -6.38 3.17
N LEU D 210 -9.16 -5.12 3.60
CA LEU D 210 -10.27 -4.22 3.35
C LEU D 210 -10.18 -3.52 1.94
N ASN D 211 -9.07 -3.71 1.22
CA ASN D 211 -8.93 -2.91 -0.02
C ASN D 211 -9.87 -3.42 -1.08
N ILE D 212 -10.52 -4.56 -0.81
CA ILE D 212 -11.67 -4.96 -1.64
C ILE D 212 -12.71 -3.88 -1.75
N TYR D 213 -12.80 -2.96 -0.77
CA TYR D 213 -13.82 -1.97 -0.88
C TYR D 213 -13.34 -0.72 -1.67
N GLY D 214 -12.11 -0.76 -2.15
CA GLY D 214 -11.60 0.49 -2.75
C GLY D 214 -12.26 0.86 -4.09
N ASP D 215 -12.92 -0.11 -4.76
CA ASP D 215 -13.58 0.22 -6.03
C ASP D 215 -14.80 1.05 -5.81
N ASN D 216 -15.18 1.25 -4.55
CA ASN D 216 -16.37 2.04 -4.22
C ASN D 216 -17.63 1.57 -5.02
N LYS D 217 -17.75 0.29 -5.20
CA LYS D 217 -18.87 -0.29 -5.97
C LYS D 217 -20.19 0.05 -5.28
N VAL D 218 -21.14 0.59 -6.06
CA VAL D 218 -22.46 1.03 -5.57
C VAL D 218 -23.57 0.23 -6.31
N VAL D 219 -24.68 -0.09 -5.63
CA VAL D 219 -25.71 -0.94 -6.25
C VAL D 219 -27.07 -0.39 -5.87
N ASP D 220 -28.13 -0.86 -6.58
CA ASP D 220 -29.48 -0.36 -6.28
C ASP D 220 -30.01 -1.17 -5.07
N SER D 221 -30.26 -0.51 -3.96
CA SER D 221 -30.73 -1.25 -2.80
C SER D 221 -32.16 -1.86 -2.92
N LYS D 222 -33.00 -1.32 -3.81
CA LYS D 222 -34.31 -1.91 -4.11
C LYS D 222 -34.21 -3.25 -4.82
N SER D 223 -33.14 -3.52 -5.54
CA SER D 223 -33.19 -4.75 -6.30
C SER D 223 -32.07 -5.75 -6.00
N ILE D 224 -31.07 -5.33 -5.21
CA ILE D 224 -29.93 -6.20 -4.93
C ILE D 224 -30.35 -7.48 -4.21
N LYS D 225 -29.67 -8.57 -4.55
CA LYS D 225 -29.87 -9.88 -3.97
C LYS D 225 -28.59 -10.30 -3.27
N MET D 226 -28.69 -10.82 -2.04
CA MET D 226 -27.50 -11.22 -1.27
C MET D 226 -27.63 -12.60 -0.76
N GLU D 227 -26.58 -13.37 -0.85
CA GLU D 227 -26.61 -14.72 -0.36
C GLU D 227 -25.26 -15.03 0.26
N VAL D 228 -25.27 -15.74 1.42
CA VAL D 228 -24.04 -16.18 2.12
C VAL D 228 -24.04 -17.67 2.06
N PHE D 229 -22.89 -18.25 1.75
CA PHE D 229 -22.67 -19.68 1.67
C PHE D 229 -21.55 -20.00 2.57
N LEU D 230 -21.81 -20.83 3.58
CA LEU D 230 -20.82 -21.22 4.56
C LEU D 230 -20.65 -22.71 4.66
N ASN D 231 -19.44 -23.15 4.91
CA ASN D 231 -19.17 -24.49 5.05
C ASN D 231 -18.54 -24.69 6.47
N THR D 232 -19.01 -25.72 7.20
CA THR D 232 -18.45 -26.03 8.52
C THR D 232 -17.29 -27.03 8.45
N HIS D 233 -16.96 -27.60 7.29
CA HIS D 233 -16.10 -28.84 7.24
C HIS D 233 -14.63 -28.65 6.91
C ACT E . 2.48 28.44 -24.99
O ACT E . 1.24 28.88 -25.00
OXT ACT E . 3.06 27.81 -23.95
CH3 ACT E . 3.25 28.71 -26.24
C ACT F . 16.25 9.36 -9.22
O ACT F . 16.94 10.30 -8.80
OXT ACT F . 16.77 8.14 -8.95
CH3 ACT F . 15.04 9.73 -10.09
C ACT G . 1.13 5.09 0.88
O ACT G . 2.21 5.89 0.33
OXT ACT G . 0.38 5.45 1.88
CH3 ACT G . 0.42 3.82 0.47
C ACT H . 4.60 1.53 0.54
O ACT H . 4.75 0.42 1.29
OXT ACT H . 5.65 2.52 0.54
CH3 ACT H . 3.18 1.51 -0.09
C ACT I . -11.63 -0.95 17.71
O ACT I . -12.20 -0.05 17.07
OXT ACT I . -11.46 -0.40 18.78
CH3 ACT I . -11.37 -2.41 17.32
C ACT J . -2.56 2.57 3.11
O ACT J . -2.99 3.46 2.22
OXT ACT J . -2.84 2.95 4.43
CH3 ACT J . -1.62 1.44 2.46
C ACT K . 2.17 1.07 4.32
O ACT K . 1.42 1.05 5.44
OXT ACT K . 3.41 1.57 4.30
CH3 ACT K . 1.66 0.40 3.06
C ACT L . -10.74 19.78 -1.25
O ACT L . -9.76 18.94 -1.21
OXT ACT L . -11.80 19.47 -1.92
CH3 ACT L . -10.68 21.06 -0.47
#